data_6DTE
#
_entry.id   6DTE
#
_cell.length_a   48.910
_cell.length_b   88.140
_cell.length_c   67.310
_cell.angle_alpha   90.00
_cell.angle_beta   92.03
_cell.angle_gamma   90.00
#
_symmetry.space_group_name_H-M   'P 1 21 1'
#
loop_
_entity.id
_entity.type
_entity.pdbx_description
1 polymer Beta-hexosaminidase
2 non-polymer 2,2,2-trifluoro-N-[(1R,2R,3R,4R,5R,6R)-2,3,5,6-tetrahydroxy-4-(hydroxymethyl)cyclohexyl]acetamide
3 water water
#
_entity_poly.entity_id   1
_entity_poly.type   'polypeptide(L)'
_entity_poly.pdbx_seq_one_letter_code
;MAHHHHHHMKTTPGPVMLDVVGTTLSRDDARRLAHPNTGGVILFARHFQNRAQLTALTDSIRAVREDILIAVDHEGGRVQ
RFRTDGFTVLPAMRRLGELWDRDVLLATKVATAVGYILAAELRACGIDMSFTPVLDLDYGHSKVIGDRAFHRDPRVVTLL
AKSLNHGLSLAGMANCGKHFPGHGFAEADSHVALPTDDRTLDAILEQDVAPYDWLGLSLAAVIPAHVIYTQVDKRPAGFS
RVWLQDILRGKLGFTGAIFSDDLSMEAAREGGTLTQAADAALAAGCDMVLVCNQPDAAEVVLNGLKARASAESVRRIKRM
RARGKALKWDKLIAQPEYLQAQALLSSALA
;
_entity_poly.pdbx_strand_id   A,B
#
loop_
_chem_comp.id
_chem_comp.type
_chem_comp.name
_chem_comp.formula
H9J non-polymer 2,2,2-trifluoro-N-[(1R,2R,3R,4R,5R,6R)-2,3,5,6-tetrahydroxy-4-(hydroxymethyl)cyclohexyl]acetamide 'C9 H14 F3 N O6'
#
# COMPACT_ATOMS: atom_id res chain seq x y z
N THR A 11 23.33 7.00 15.22
CA THR A 11 24.08 6.13 14.32
C THR A 11 23.24 5.77 13.10
N THR A 12 23.92 5.52 11.97
CA THR A 12 23.27 5.29 10.70
C THR A 12 23.58 3.88 10.19
N PRO A 13 22.74 3.34 9.30
CA PRO A 13 22.94 1.95 8.86
C PRO A 13 24.18 1.79 7.99
N GLY A 14 24.90 0.70 8.22
CA GLY A 14 25.99 0.31 7.34
C GLY A 14 25.50 -0.58 6.21
N PRO A 15 26.42 -0.99 5.34
CA PRO A 15 26.02 -1.76 4.16
C PRO A 15 25.88 -3.27 4.35
N VAL A 16 26.13 -3.83 5.53
CA VAL A 16 26.22 -5.27 5.70
C VAL A 16 24.99 -5.78 6.45
N MET A 17 24.31 -6.77 5.85
CA MET A 17 23.27 -7.54 6.53
C MET A 17 23.84 -8.91 6.86
N LEU A 18 23.80 -9.27 8.15
CA LEU A 18 24.29 -10.56 8.62
C LEU A 18 23.24 -11.22 9.49
N ASP A 19 23.59 -12.33 10.14
CA ASP A 19 22.66 -13.01 11.04
C ASP A 19 23.34 -13.21 12.39
N VAL A 20 22.53 -13.61 13.37
CA VAL A 20 23.00 -13.81 14.73
C VAL A 20 23.10 -15.31 15.00
N VAL A 21 23.73 -15.66 16.13
CA VAL A 21 24.11 -17.05 16.33
C VAL A 21 22.99 -17.94 16.88
N GLY A 22 21.94 -17.37 17.46
CA GLY A 22 20.94 -18.21 18.09
C GLY A 22 19.62 -17.53 18.37
N THR A 23 18.88 -18.09 19.33
CA THR A 23 17.56 -17.61 19.66
C THR A 23 17.59 -16.45 20.65
N THR A 24 18.74 -16.24 21.30
CA THR A 24 18.99 -15.07 22.14
CA THR A 24 18.98 -15.07 22.13
C THR A 24 20.32 -14.46 21.74
N LEU A 25 20.45 -13.16 21.93
CA LEU A 25 21.65 -12.46 21.49
CA LEU A 25 21.66 -12.45 21.50
C LEU A 25 22.84 -12.79 22.39
N SER A 26 24.00 -13.00 21.77
CA SER A 26 25.25 -13.23 22.48
C SER A 26 26.09 -11.96 22.49
N ARG A 27 27.13 -11.97 23.30
CA ARG A 27 28.07 -10.85 23.33
C ARG A 27 28.70 -10.63 21.97
N ASP A 28 29.06 -11.71 21.27
CA ASP A 28 29.64 -11.56 19.94
C ASP A 28 28.65 -10.91 18.99
N ASP A 29 27.38 -11.34 19.04
CA ASP A 29 26.34 -10.69 18.24
C ASP A 29 26.33 -9.19 18.51
N ALA A 30 26.31 -8.80 19.79
CA ALA A 30 26.22 -7.40 20.15
C ALA A 30 27.41 -6.61 19.62
N ARG A 31 28.60 -7.21 19.64
CA ARG A 31 29.75 -6.55 19.05
C ARG A 31 29.52 -6.27 17.57
N ARG A 32 29.08 -7.28 16.82
CA ARG A 32 28.87 -7.08 15.39
C ARG A 32 27.77 -6.08 15.12
N LEU A 33 26.67 -6.13 15.91
CA LEU A 33 25.55 -5.24 15.67
C LEU A 33 25.93 -3.78 15.90
N ALA A 34 26.92 -3.53 16.75
CA ALA A 34 27.39 -2.16 17.00
C ALA A 34 28.40 -1.68 15.98
N HIS A 35 28.86 -2.55 15.08
CA HIS A 35 29.88 -2.15 14.13
C HIS A 35 29.28 -1.15 13.13
N PRO A 36 30.02 -0.08 12.80
CA PRO A 36 29.46 0.94 11.89
C PRO A 36 28.98 0.37 10.56
N ASN A 37 29.61 -0.67 10.03
CA ASN A 37 29.25 -1.21 8.74
C ASN A 37 28.09 -2.20 8.79
N THR A 38 27.50 -2.43 9.96
CA THR A 38 26.30 -3.27 10.06
C THR A 38 25.07 -2.42 9.79
N GLY A 39 24.19 -2.91 8.92
CA GLY A 39 22.96 -2.22 8.62
C GLY A 39 21.72 -3.09 8.76
N GLY A 40 21.90 -4.39 8.86
CA GLY A 40 20.75 -5.27 8.87
C GLY A 40 21.03 -6.62 9.50
N VAL A 41 19.93 -7.25 9.92
CA VAL A 41 19.94 -8.64 10.38
C VAL A 41 18.90 -9.39 9.56
N ILE A 42 19.29 -10.53 9.02
CA ILE A 42 18.37 -11.45 8.35
C ILE A 42 18.19 -12.67 9.25
N LEU A 43 16.95 -13.07 9.46
CA LEU A 43 16.60 -14.20 10.31
C LEU A 43 16.28 -15.42 9.47
N PHE A 44 16.56 -16.61 10.02
CA PHE A 44 16.26 -17.89 9.39
C PHE A 44 15.48 -18.74 10.38
N ALA A 45 15.10 -19.95 9.94
CA ALA A 45 14.27 -20.81 10.78
C ALA A 45 14.92 -21.05 12.13
N ARG A 46 16.23 -21.24 12.16
CA ARG A 46 16.93 -21.59 13.39
C ARG A 46 16.86 -20.48 14.44
N HIS A 47 16.46 -19.27 14.06
CA HIS A 47 16.30 -18.18 15.01
C HIS A 47 14.90 -18.12 15.61
N PHE A 48 14.04 -19.10 15.30
CA PHE A 48 12.66 -19.07 15.74
C PHE A 48 12.35 -20.30 16.58
N GLN A 49 11.88 -20.07 17.80
CA GLN A 49 11.29 -21.10 18.65
C GLN A 49 9.80 -20.86 18.83
N ASN A 50 9.40 -19.64 19.17
CA ASN A 50 8.01 -19.27 19.28
C ASN A 50 7.94 -17.75 19.20
N ARG A 51 6.71 -17.23 19.17
CA ARG A 51 6.51 -15.79 19.00
C ARG A 51 7.15 -15.00 20.13
N ALA A 52 6.93 -15.42 21.38
CA ALA A 52 7.48 -14.70 22.52
C ALA A 52 9.00 -14.60 22.41
N GLN A 53 9.66 -15.72 22.10
CA GLN A 53 11.11 -15.72 21.94
C GLN A 53 11.55 -14.81 20.81
N LEU A 54 10.84 -14.86 19.68
CA LEU A 54 11.23 -14.07 18.52
C LEU A 54 11.09 -12.57 18.80
N THR A 55 9.98 -12.17 19.42
CA THR A 55 9.78 -10.76 19.76
C THR A 55 10.87 -10.27 20.70
N ALA A 56 11.24 -11.09 21.69
CA ALA A 56 12.33 -10.70 22.58
C ALA A 56 13.64 -10.57 21.82
N LEU A 57 13.85 -11.43 20.82
CA LEU A 57 15.09 -11.38 20.05
C LEU A 57 15.17 -10.10 19.23
N THR A 58 14.11 -9.77 18.49
CA THR A 58 14.14 -8.55 17.69
C THR A 58 14.22 -7.31 18.58
N ASP A 59 13.53 -7.33 19.73
CA ASP A 59 13.66 -6.22 20.67
C ASP A 59 15.11 -6.03 21.10
N SER A 60 15.81 -7.12 21.41
CA SER A 60 17.18 -7.02 21.88
C SER A 60 18.13 -6.57 20.78
N ILE A 61 17.82 -6.90 19.52
CA ILE A 61 18.63 -6.45 18.40
C ILE A 61 18.53 -4.95 18.24
N ARG A 62 17.30 -4.43 18.25
CA ARG A 62 17.11 -2.99 18.12
C ARG A 62 17.66 -2.24 19.33
N ALA A 63 17.67 -2.87 20.51
CA ALA A 63 18.23 -2.21 21.68
C ALA A 63 19.72 -1.96 21.52
N VAL A 64 20.40 -2.81 20.73
CA VAL A 64 21.82 -2.58 20.47
C VAL A 64 22.02 -1.56 19.36
N ARG A 65 21.22 -1.65 18.30
CA ARG A 65 21.38 -0.79 17.12
C ARG A 65 20.00 -0.33 16.67
N GLU A 66 19.60 0.87 17.10
CA GLU A 66 18.24 1.34 16.88
C GLU A 66 17.91 1.51 15.40
N ASP A 67 18.91 1.80 14.58
CA ASP A 67 18.70 2.04 13.16
C ASP A 67 18.78 0.76 12.33
N ILE A 68 18.81 -0.41 12.97
CA ILE A 68 19.01 -1.67 12.26
C ILE A 68 17.76 -2.03 11.47
N LEU A 69 17.97 -2.73 10.35
CA LEU A 69 16.90 -3.28 9.53
C LEU A 69 16.83 -4.78 9.73
N ILE A 70 15.65 -5.29 10.08
CA ILE A 70 15.47 -6.72 10.35
C ILE A 70 14.58 -7.32 9.27
N ALA A 71 15.07 -8.35 8.60
CA ALA A 71 14.41 -8.94 7.45
C ALA A 71 14.35 -10.46 7.60
N VAL A 72 13.57 -11.08 6.71
CA VAL A 72 13.41 -12.53 6.69
C VAL A 72 12.88 -12.92 5.32
N ASP A 73 13.13 -14.16 4.93
CA ASP A 73 12.57 -14.71 3.70
C ASP A 73 11.21 -15.31 4.02
N HIS A 74 10.16 -14.51 3.86
CA HIS A 74 8.78 -14.99 3.97
C HIS A 74 8.11 -14.80 2.61
N GLU A 75 8.29 -15.77 1.74
CA GLU A 75 7.60 -15.83 0.46
C GLU A 75 6.29 -16.61 0.58
N GLY A 76 6.29 -17.67 1.37
CA GLY A 76 5.25 -18.66 1.38
C GLY A 76 5.66 -19.92 0.65
N GLY A 77 4.83 -20.94 0.77
CA GLY A 77 5.14 -22.21 0.12
C GLY A 77 6.42 -22.80 0.68
N ARG A 78 7.39 -23.02 -0.19
CA ARG A 78 8.65 -23.65 0.21
C ARG A 78 9.62 -22.70 0.90
N VAL A 79 9.35 -21.39 0.92
CA VAL A 79 10.26 -20.41 1.53
C VAL A 79 9.45 -19.60 2.54
N GLN A 80 9.44 -20.06 3.79
CA GLN A 80 8.80 -19.34 4.89
C GLN A 80 9.46 -19.81 6.18
N ARG A 81 10.28 -18.94 6.80
CA ARG A 81 11.10 -19.39 7.92
C ARG A 81 10.25 -19.73 9.15
N PHE A 82 9.20 -18.96 9.42
CA PHE A 82 8.36 -19.11 10.61
C PHE A 82 7.02 -19.69 10.17
N ARG A 83 6.76 -20.94 10.55
CA ARG A 83 5.56 -21.65 10.13
C ARG A 83 4.71 -22.15 11.29
N THR A 84 5.12 -21.90 12.53
CA THR A 84 4.46 -22.46 13.71
C THR A 84 4.07 -21.34 14.65
N ASP A 85 3.49 -21.73 15.79
CA ASP A 85 3.03 -20.81 16.84
C ASP A 85 2.30 -19.61 16.26
N GLY A 86 1.31 -19.87 15.41
CA GLY A 86 0.41 -18.82 14.96
C GLY A 86 0.78 -18.16 13.66
N PHE A 87 2.00 -18.32 13.17
CA PHE A 87 2.31 -17.84 11.83
C PHE A 87 1.50 -18.63 10.81
N THR A 88 0.81 -17.90 9.94
CA THR A 88 -0.01 -18.55 8.92
C THR A 88 0.88 -19.14 7.83
N VAL A 89 0.75 -20.44 7.61
CA VAL A 89 1.46 -21.08 6.50
C VAL A 89 0.84 -20.57 5.21
N LEU A 90 1.61 -19.82 4.44
CA LEU A 90 1.10 -19.18 3.23
C LEU A 90 1.30 -20.08 2.02
N PRO A 91 0.45 -19.95 1.00
CA PRO A 91 0.62 -20.78 -0.19
C PRO A 91 1.88 -20.40 -0.94
N ALA A 92 2.32 -21.30 -1.82
CA ALA A 92 3.32 -20.95 -2.81
C ALA A 92 2.74 -19.93 -3.77
N MET A 93 3.58 -19.00 -4.25
CA MET A 93 3.08 -17.95 -5.13
C MET A 93 2.54 -18.54 -6.43
N ARG A 94 3.04 -19.70 -6.84
CA ARG A 94 2.47 -20.38 -8.00
C ARG A 94 0.98 -20.63 -7.82
N ARG A 95 0.55 -20.89 -6.57
CA ARG A 95 -0.86 -21.15 -6.31
C ARG A 95 -1.72 -19.95 -6.68
N LEU A 96 -1.21 -18.73 -6.50
CA LEU A 96 -1.97 -17.54 -6.86
C LEU A 96 -2.05 -17.37 -8.37
N GLY A 97 -1.02 -17.78 -9.11
CA GLY A 97 -1.10 -17.78 -10.56
C GLY A 97 -2.11 -18.78 -11.09
N GLU A 98 -2.24 -19.93 -10.42
CA GLU A 98 -3.25 -20.90 -10.80
C GLU A 98 -4.66 -20.38 -10.53
N LEU A 99 -4.84 -19.68 -9.42
CA LEU A 99 -6.13 -19.06 -9.14
C LEU A 99 -6.44 -17.97 -10.16
N TRP A 100 -5.42 -17.19 -10.54
CA TRP A 100 -5.58 -16.17 -11.57
C TRP A 100 -6.14 -16.77 -12.85
N ASP A 101 -5.62 -17.94 -13.26
CA ASP A 101 -6.07 -18.57 -14.49
C ASP A 101 -7.53 -18.99 -14.43
N ARG A 102 -8.11 -19.08 -13.23
CA ARG A 102 -9.54 -19.35 -13.06
C ARG A 102 -10.35 -18.08 -12.84
N ASP A 103 -9.79 -17.11 -12.11
CA ASP A 103 -10.52 -15.90 -11.74
C ASP A 103 -9.51 -14.80 -11.46
N VAL A 104 -9.30 -13.92 -12.44
CA VAL A 104 -8.26 -12.91 -12.35
C VAL A 104 -8.49 -12.00 -11.14
N LEU A 105 -9.68 -11.42 -11.04
CA LEU A 105 -9.92 -10.42 -10.01
C LEU A 105 -9.84 -11.03 -8.61
N LEU A 106 -10.38 -12.23 -8.44
CA LEU A 106 -10.28 -12.90 -7.15
C LEU A 106 -8.83 -13.16 -6.79
N ALA A 107 -8.00 -13.50 -7.77
CA ALA A 107 -6.59 -13.72 -7.49
C ALA A 107 -5.94 -12.44 -6.94
N THR A 108 -6.25 -11.28 -7.53
CA THR A 108 -5.68 -10.05 -7.02
C THR A 108 -6.17 -9.73 -5.61
N LYS A 109 -7.41 -10.10 -5.30
CA LYS A 109 -7.94 -9.88 -3.96
C LYS A 109 -7.24 -10.78 -2.94
N VAL A 110 -7.03 -12.05 -3.30
CA VAL A 110 -6.36 -12.97 -2.40
C VAL A 110 -4.90 -12.60 -2.22
N ALA A 111 -4.24 -12.17 -3.31
CA ALA A 111 -2.84 -11.76 -3.21
C ALA A 111 -2.65 -10.66 -2.17
N THR A 112 -3.54 -9.66 -2.19
CA THR A 112 -3.48 -8.59 -1.19
C THR A 112 -3.69 -9.14 0.21
N ALA A 113 -4.66 -10.05 0.39
CA ALA A 113 -4.89 -10.65 1.69
C ALA A 113 -3.65 -11.40 2.18
N VAL A 114 -2.99 -12.14 1.29
CA VAL A 114 -1.76 -12.83 1.65
C VAL A 114 -0.72 -11.82 2.14
N GLY A 115 -0.49 -10.77 1.36
CA GLY A 115 0.50 -9.79 1.75
C GLY A 115 0.20 -9.16 3.10
N TYR A 116 -1.07 -8.90 3.38
CA TYR A 116 -1.42 -8.27 4.64
C TYR A 116 -1.17 -9.22 5.82
N ILE A 117 -1.62 -10.48 5.70
CA ILE A 117 -1.32 -11.48 6.72
C ILE A 117 0.18 -11.58 6.92
N LEU A 118 0.91 -11.72 5.81
CA LEU A 118 2.36 -11.87 5.84
C LEU A 118 3.01 -10.72 6.60
N ALA A 119 2.73 -9.49 6.21
CA ALA A 119 3.35 -8.33 6.83
C ALA A 119 2.89 -8.14 8.27
N ALA A 120 1.59 -8.32 8.54
CA ALA A 120 1.07 -8.03 9.87
C ALA A 120 1.65 -9.00 10.91
N GLU A 121 1.78 -10.28 10.55
CA GLU A 121 2.32 -11.24 11.50
C GLU A 121 3.80 -10.98 11.78
N LEU A 122 4.56 -10.62 10.74
CA LEU A 122 5.98 -10.31 10.94
C LEU A 122 6.16 -9.06 11.80
N ARG A 123 5.35 -8.03 11.59
CA ARG A 123 5.50 -6.81 12.36
C ARG A 123 5.11 -7.01 13.81
N ALA A 124 4.18 -7.94 14.08
CA ALA A 124 3.83 -8.25 15.46
C ALA A 124 5.01 -8.84 16.21
N CYS A 125 6.00 -9.39 15.51
CA CYS A 125 7.23 -9.87 16.13
C CYS A 125 8.40 -8.93 15.90
N GLY A 126 8.14 -7.70 15.49
CA GLY A 126 9.18 -6.68 15.40
C GLY A 126 10.12 -6.84 14.21
N ILE A 127 9.60 -7.30 13.08
CA ILE A 127 10.39 -7.48 11.87
C ILE A 127 10.00 -6.40 10.86
N ASP A 128 11.00 -5.85 10.16
CA ASP A 128 10.77 -4.74 9.24
C ASP A 128 10.16 -5.20 7.92
N MET A 129 10.70 -6.28 7.33
CA MET A 129 10.39 -6.59 5.95
C MET A 129 10.62 -8.06 5.65
N SER A 130 9.99 -8.51 4.58
CA SER A 130 10.26 -9.82 3.98
C SER A 130 10.87 -9.63 2.60
N PHE A 131 11.81 -10.50 2.24
CA PHE A 131 12.39 -10.50 0.90
C PHE A 131 11.44 -11.23 -0.05
N THR A 132 10.38 -10.51 -0.42
CA THR A 132 9.34 -10.97 -1.33
C THR A 132 8.81 -9.73 -2.02
N PRO A 133 8.30 -9.84 -3.26
CA PRO A 133 7.99 -11.00 -4.10
C PRO A 133 9.03 -11.47 -5.09
N VAL A 134 9.01 -12.78 -5.33
CA VAL A 134 9.73 -13.35 -6.47
C VAL A 134 9.07 -12.85 -7.75
N LEU A 135 9.87 -12.23 -8.62
CA LEU A 135 9.40 -11.78 -9.91
C LEU A 135 9.92 -12.63 -11.05
N ASP A 136 10.71 -13.67 -10.74
CA ASP A 136 11.12 -14.62 -11.76
C ASP A 136 9.90 -15.20 -12.46
N LEU A 137 10.01 -15.37 -13.77
CA LEU A 137 8.92 -15.92 -14.56
C LEU A 137 8.96 -17.45 -14.48
N ASP A 138 7.78 -18.07 -14.47
CA ASP A 138 7.69 -19.53 -14.36
C ASP A 138 7.83 -20.17 -15.74
N TYR A 139 9.08 -20.16 -16.23
CA TYR A 139 9.41 -20.89 -17.45
C TYR A 139 9.38 -22.40 -17.24
N GLY A 140 9.51 -22.86 -16.00
CA GLY A 140 9.69 -24.27 -15.71
C GLY A 140 11.12 -24.74 -15.76
N HIS A 141 12.06 -23.85 -16.09
CA HIS A 141 13.45 -24.25 -16.27
C HIS A 141 14.20 -24.37 -14.95
N SER A 142 13.80 -23.61 -13.93
CA SER A 142 14.58 -23.45 -12.71
C SER A 142 13.93 -24.23 -11.57
N LYS A 143 14.66 -25.21 -11.03
CA LYS A 143 14.16 -25.95 -9.87
C LYS A 143 14.27 -25.13 -8.59
N VAL A 144 15.32 -24.32 -8.47
CA VAL A 144 15.50 -23.54 -7.24
C VAL A 144 14.36 -22.53 -7.09
N ILE A 145 13.85 -21.99 -8.19
CA ILE A 145 12.67 -21.13 -8.11
C ILE A 145 11.41 -21.99 -8.01
N GLY A 146 11.15 -22.79 -9.05
CA GLY A 146 10.02 -23.70 -9.00
C GLY A 146 8.74 -22.98 -8.67
N ASP A 147 7.96 -23.54 -7.74
CA ASP A 147 6.68 -22.96 -7.37
C ASP A 147 6.80 -21.63 -6.61
N ARG A 148 8.00 -21.06 -6.47
CA ARG A 148 8.15 -19.74 -5.90
C ARG A 148 7.74 -18.64 -6.87
N ALA A 149 7.59 -18.95 -8.15
CA ALA A 149 7.20 -17.98 -9.15
C ALA A 149 5.68 -17.90 -9.26
N PHE A 150 5.17 -16.70 -9.51
CA PHE A 150 3.74 -16.47 -9.60
C PHE A 150 3.14 -17.15 -10.82
N HIS A 151 3.74 -16.94 -11.99
CA HIS A 151 3.12 -17.23 -13.27
C HIS A 151 4.20 -17.18 -14.34
N ARG A 152 3.84 -17.66 -15.54
CA ARG A 152 4.73 -17.57 -16.69
C ARG A 152 4.68 -16.20 -17.36
N ASP A 153 3.51 -15.56 -17.35
CA ASP A 153 3.29 -14.32 -18.09
C ASP A 153 3.80 -13.13 -17.28
N PRO A 154 4.70 -12.30 -17.84
CA PRO A 154 5.20 -11.15 -17.06
C PRO A 154 4.10 -10.18 -16.65
N ARG A 155 3.06 -10.01 -17.48
N ARG A 155 3.07 -10.01 -17.48
CA ARG A 155 1.96 -9.16 -17.10
CA ARG A 155 1.95 -9.17 -17.11
C ARG A 155 1.20 -9.71 -15.90
C ARG A 155 1.23 -9.71 -15.88
N VAL A 156 1.08 -11.03 -15.80
CA VAL A 156 0.38 -11.64 -14.67
C VAL A 156 1.23 -11.57 -13.41
N VAL A 157 2.52 -11.89 -13.55
CA VAL A 157 3.44 -11.74 -12.42
C VAL A 157 3.38 -10.32 -11.88
N THR A 158 3.40 -9.33 -12.78
CA THR A 158 3.42 -7.94 -12.36
C THR A 158 2.18 -7.60 -11.53
N LEU A 159 0.99 -7.93 -12.04
CA LEU A 159 -0.23 -7.51 -11.36
C LEU A 159 -0.46 -8.32 -10.09
N LEU A 160 -0.06 -9.59 -10.05
CA LEU A 160 -0.16 -10.37 -8.82
C LEU A 160 0.82 -9.85 -7.78
N ALA A 161 2.07 -9.63 -8.18
CA ALA A 161 3.07 -9.09 -7.25
C ALA A 161 2.65 -7.73 -6.73
N LYS A 162 2.13 -6.87 -7.60
CA LYS A 162 1.67 -5.57 -7.16
C LYS A 162 0.58 -5.69 -6.12
N SER A 163 -0.37 -6.61 -6.33
CA SER A 163 -1.43 -6.82 -5.35
C SER A 163 -0.86 -7.30 -4.02
N LEU A 164 0.12 -8.21 -4.06
CA LEU A 164 0.78 -8.64 -2.83
C LEU A 164 1.43 -7.46 -2.13
N ASN A 165 2.21 -6.67 -2.87
CA ASN A 165 2.91 -5.53 -2.29
C ASN A 165 1.94 -4.53 -1.70
N HIS A 166 0.75 -4.41 -2.29
CA HIS A 166 -0.30 -3.57 -1.71
C HIS A 166 -0.68 -4.06 -0.32
N GLY A 167 -0.88 -5.38 -0.17
CA GLY A 167 -1.20 -5.93 1.13
C GLY A 167 -0.10 -5.70 2.15
N LEU A 168 1.15 -5.87 1.74
CA LEU A 168 2.28 -5.54 2.61
C LEU A 168 2.23 -4.08 3.05
N SER A 169 1.96 -3.18 2.09
CA SER A 169 1.89 -1.75 2.40
C SER A 169 0.77 -1.45 3.40
N LEU A 170 -0.33 -2.20 3.34
CA LEU A 170 -1.44 -1.97 4.27
C LEU A 170 -0.97 -2.10 5.72
N ALA A 171 0.04 -2.92 5.98
CA ALA A 171 0.63 -3.05 7.30
C ALA A 171 1.90 -2.22 7.45
N GLY A 172 2.17 -1.31 6.51
CA GLY A 172 3.34 -0.48 6.57
C GLY A 172 4.64 -1.13 6.14
N MET A 173 4.57 -2.31 5.55
CA MET A 173 5.77 -3.05 5.18
C MET A 173 6.14 -2.81 3.71
N ALA A 174 7.44 -2.74 3.45
CA ALA A 174 7.94 -2.58 2.08
C ALA A 174 7.98 -3.94 1.39
N ASN A 175 8.83 -4.08 0.38
CA ASN A 175 8.93 -5.30 -0.40
C ASN A 175 10.28 -5.32 -1.09
N CYS A 176 10.55 -6.40 -1.81
CA CYS A 176 11.83 -6.55 -2.49
C CYS A 176 11.68 -7.60 -3.59
N GLY A 177 11.69 -7.16 -4.84
CA GLY A 177 11.57 -8.08 -5.96
C GLY A 177 12.88 -8.80 -6.25
N LYS A 178 12.76 -10.04 -6.72
CA LYS A 178 13.94 -10.86 -6.98
C LYS A 178 13.58 -11.94 -7.98
N HIS A 179 14.60 -12.49 -8.66
CA HIS A 179 16.01 -12.14 -8.54
C HIS A 179 16.48 -11.48 -9.84
N PHE A 180 16.69 -10.17 -9.77
CA PHE A 180 16.89 -9.36 -10.96
C PHE A 180 18.19 -9.74 -11.67
N PRO A 181 18.20 -9.83 -13.01
CA PRO A 181 17.11 -9.54 -13.96
C PRO A 181 16.23 -10.73 -14.29
N GLY A 182 16.38 -11.83 -13.56
CA GLY A 182 15.59 -13.02 -13.83
C GLY A 182 16.35 -14.32 -13.62
N HIS A 183 15.91 -15.11 -12.64
CA HIS A 183 16.46 -16.42 -12.35
C HIS A 183 15.62 -17.55 -12.93
N GLY A 184 14.56 -17.24 -13.67
CA GLY A 184 13.62 -18.26 -14.11
C GLY A 184 14.03 -19.04 -15.33
N PHE A 185 14.88 -18.47 -16.18
CA PHE A 185 15.25 -19.12 -17.43
C PHE A 185 16.47 -20.02 -17.28
N ALA A 186 17.39 -19.68 -16.39
CA ALA A 186 18.60 -20.46 -16.19
C ALA A 186 18.27 -21.78 -15.50
N GLU A 187 19.10 -22.78 -15.76
CA GLU A 187 18.84 -24.13 -15.28
C GLU A 187 19.36 -24.38 -13.87
N ALA A 188 20.55 -23.89 -13.54
CA ALA A 188 21.25 -24.31 -12.34
C ALA A 188 20.82 -23.53 -11.10
N ASP A 189 21.16 -24.07 -9.94
CA ASP A 189 20.85 -23.49 -8.64
C ASP A 189 22.05 -22.68 -8.16
N SER A 190 21.87 -21.37 -8.01
CA SER A 190 22.96 -20.47 -7.64
C SER A 190 23.48 -20.71 -6.23
N HIS A 191 22.75 -21.45 -5.40
CA HIS A 191 23.28 -21.82 -4.09
C HIS A 191 24.49 -22.73 -4.22
N VAL A 192 24.48 -23.64 -5.19
CA VAL A 192 25.48 -24.69 -5.29
C VAL A 192 26.26 -24.67 -6.59
N ALA A 193 25.86 -23.85 -7.57
CA ALA A 193 26.57 -23.78 -8.83
C ALA A 193 26.51 -22.35 -9.34
N LEU A 194 27.07 -22.12 -10.52
CA LEU A 194 27.02 -20.81 -11.17
C LEU A 194 26.11 -20.90 -12.39
N PRO A 195 24.85 -20.49 -12.30
CA PRO A 195 23.96 -20.60 -13.46
C PRO A 195 24.31 -19.57 -14.52
N THR A 196 23.89 -19.87 -15.75
CA THR A 196 24.12 -18.99 -16.89
C THR A 196 22.83 -18.85 -17.68
N ASP A 197 22.74 -17.73 -18.40
CA ASP A 197 21.57 -17.40 -19.22
C ASP A 197 22.12 -16.75 -20.48
N ASP A 198 22.01 -17.45 -21.61
CA ASP A 198 22.69 -17.04 -22.85
C ASP A 198 21.78 -16.26 -23.80
N ARG A 199 20.68 -15.71 -23.30
CA ARG A 199 19.79 -14.93 -24.15
C ARG A 199 20.36 -13.53 -24.38
N THR A 200 19.77 -12.83 -25.35
CA THR A 200 20.17 -11.47 -25.65
C THR A 200 19.63 -10.52 -24.58
N LEU A 201 20.22 -9.33 -24.52
CA LEU A 201 19.73 -8.31 -23.60
C LEU A 201 18.27 -7.98 -23.88
N ASP A 202 17.94 -7.71 -25.15
CA ASP A 202 16.58 -7.33 -25.50
C ASP A 202 15.60 -8.43 -25.13
N ALA A 203 15.98 -9.70 -25.32
CA ALA A 203 15.11 -10.78 -24.91
C ALA A 203 14.88 -10.75 -23.42
N ILE A 204 15.93 -10.52 -22.64
CA ILE A 204 15.81 -10.47 -21.19
C ILE A 204 14.96 -9.28 -20.77
N LEU A 205 15.14 -8.14 -21.43
CA LEU A 205 14.40 -6.94 -21.05
C LEU A 205 12.93 -7.06 -21.39
N GLU A 206 12.60 -7.71 -22.50
CA GLU A 206 11.21 -7.75 -22.97
C GLU A 206 10.31 -8.49 -22.00
N GLN A 207 10.80 -9.57 -21.38
CA GLN A 207 10.00 -10.42 -20.53
C GLN A 207 10.44 -10.36 -19.07
N ASP A 208 11.65 -10.85 -18.76
CA ASP A 208 12.03 -11.05 -17.37
C ASP A 208 12.13 -9.74 -16.60
N VAL A 209 12.57 -8.66 -17.25
CA VAL A 209 12.72 -7.38 -16.57
C VAL A 209 11.44 -6.56 -16.56
N ALA A 210 10.47 -6.87 -17.41
CA ALA A 210 9.27 -6.06 -17.51
C ALA A 210 8.54 -5.87 -16.19
N PRO A 211 8.45 -6.87 -15.31
CA PRO A 211 7.77 -6.62 -14.03
C PRO A 211 8.48 -5.56 -13.19
N TYR A 212 9.81 -5.54 -13.21
CA TYR A 212 10.53 -4.51 -12.47
C TYR A 212 10.20 -3.13 -13.01
N ASP A 213 10.05 -3.01 -14.33
CA ASP A 213 9.78 -1.72 -14.94
C ASP A 213 8.32 -1.31 -14.74
N TRP A 214 7.39 -2.26 -14.91
CA TRP A 214 5.97 -1.93 -14.83
C TRP A 214 5.52 -1.62 -13.40
N LEU A 215 6.16 -2.21 -12.39
CA LEU A 215 5.70 -2.01 -11.02
C LEU A 215 5.87 -0.56 -10.56
N GLY A 216 6.89 0.13 -11.07
CA GLY A 216 7.09 1.52 -10.69
C GLY A 216 7.30 1.67 -9.20
N LEU A 217 6.59 2.63 -8.61
CA LEU A 217 6.73 2.91 -7.19
C LEU A 217 6.24 1.78 -6.30
N SER A 218 5.50 0.81 -6.84
CA SER A 218 5.07 -0.34 -6.07
CA SER A 218 5.08 -0.34 -6.05
C SER A 218 6.21 -1.33 -5.80
N LEU A 219 7.38 -1.10 -6.38
CA LEU A 219 8.57 -1.91 -6.14
C LEU A 219 9.52 -1.12 -5.25
N ALA A 220 9.79 -1.63 -4.07
CA ALA A 220 10.57 -0.91 -3.06
C ALA A 220 12.04 -1.27 -3.06
N ALA A 221 12.41 -2.47 -3.51
CA ALA A 221 13.80 -2.89 -3.47
C ALA A 221 13.97 -4.06 -4.44
N VAL A 222 15.24 -4.43 -4.65
CA VAL A 222 15.59 -5.51 -5.57
C VAL A 222 16.72 -6.32 -4.96
N ILE A 223 16.66 -7.64 -5.14
CA ILE A 223 17.80 -8.53 -4.94
C ILE A 223 18.23 -9.05 -6.31
N PRO A 224 19.48 -8.84 -6.73
CA PRO A 224 19.94 -9.39 -8.00
C PRO A 224 20.31 -10.86 -7.89
N ALA A 225 20.17 -11.56 -9.02
CA ALA A 225 20.54 -12.96 -9.10
C ALA A 225 22.04 -13.12 -9.30
N HIS A 226 22.58 -14.20 -8.72
CA HIS A 226 23.96 -14.60 -8.95
C HIS A 226 24.05 -15.41 -10.25
N VAL A 227 23.56 -14.81 -11.35
CA VAL A 227 23.52 -15.49 -12.63
C VAL A 227 24.36 -14.69 -13.62
N ILE A 228 25.07 -15.40 -14.48
CA ILE A 228 25.85 -14.76 -15.55
C ILE A 228 24.99 -14.75 -16.82
N TYR A 229 24.73 -13.55 -17.32
CA TYR A 229 24.00 -13.36 -18.58
C TYR A 229 25.05 -13.07 -19.64
N THR A 230 25.50 -14.14 -20.30
CA THR A 230 26.78 -14.12 -21.01
C THR A 230 26.79 -13.15 -22.18
N GLN A 231 25.64 -12.82 -22.73
CA GLN A 231 25.61 -11.87 -23.84
C GLN A 231 25.56 -10.42 -23.37
N VAL A 232 25.40 -10.17 -22.07
CA VAL A 232 25.28 -8.83 -21.53
C VAL A 232 26.49 -8.44 -20.70
N ASP A 233 26.96 -9.34 -19.84
CA ASP A 233 28.11 -9.08 -18.98
C ASP A 233 28.65 -10.41 -18.50
N LYS A 234 29.98 -10.51 -18.43
CA LYS A 234 30.60 -11.72 -17.91
C LYS A 234 30.50 -11.82 -16.40
N ARG A 235 30.21 -10.71 -15.72
CA ARG A 235 30.04 -10.72 -14.27
C ARG A 235 28.61 -11.10 -13.90
N PRO A 236 28.42 -11.87 -12.83
CA PRO A 236 27.06 -12.10 -12.35
C PRO A 236 26.36 -10.78 -12.08
N ALA A 237 25.02 -10.80 -12.20
CA ALA A 237 24.26 -9.56 -12.13
C ALA A 237 24.56 -8.77 -10.86
N GLY A 238 24.69 -9.46 -9.72
CA GLY A 238 24.94 -8.78 -8.47
C GLY A 238 26.29 -8.10 -8.40
N PHE A 239 27.23 -8.53 -9.23
CA PHE A 239 28.54 -7.91 -9.35
C PHE A 239 28.68 -7.07 -10.61
N SER A 240 27.58 -6.81 -11.32
CA SER A 240 27.62 -6.22 -12.65
C SER A 240 27.16 -4.78 -12.61
N ARG A 241 28.06 -3.85 -12.94
CA ARG A 241 27.67 -2.46 -13.09
C ARG A 241 26.67 -2.30 -14.23
N VAL A 242 26.79 -3.12 -15.27
CA VAL A 242 25.85 -3.05 -16.39
C VAL A 242 24.43 -3.32 -15.92
N TRP A 243 24.23 -4.40 -15.16
CA TRP A 243 22.89 -4.76 -14.74
C TRP A 243 22.36 -3.78 -13.71
N LEU A 244 23.16 -3.46 -12.69
CA LEU A 244 22.66 -2.70 -11.55
C LEU A 244 22.57 -1.21 -11.83
N GLN A 245 23.56 -0.65 -12.53
CA GLN A 245 23.55 0.78 -12.83
CA GLN A 245 23.57 0.79 -12.84
C GLN A 245 22.99 1.07 -14.21
N ASP A 246 23.56 0.48 -15.26
CA ASP A 246 23.12 0.81 -16.62
C ASP A 246 21.65 0.46 -16.84
N ILE A 247 21.24 -0.73 -16.42
CA ILE A 247 19.88 -1.20 -16.68
C ILE A 247 18.93 -0.77 -15.56
N LEU A 248 19.21 -1.19 -14.32
CA LEU A 248 18.24 -1.02 -13.24
C LEU A 248 18.13 0.44 -12.81
N ARG A 249 19.26 1.10 -12.55
CA ARG A 249 19.23 2.48 -12.10
C ARG A 249 19.06 3.46 -13.26
N GLY A 250 19.61 3.13 -14.44
CA GLY A 250 19.56 4.04 -15.56
C GLY A 250 18.33 3.86 -16.41
N LYS A 251 18.30 2.79 -17.19
CA LYS A 251 17.19 2.57 -18.11
C LYS A 251 15.85 2.52 -17.37
N LEU A 252 15.81 1.87 -16.21
CA LEU A 252 14.56 1.75 -15.45
C LEU A 252 14.33 2.88 -14.46
N GLY A 253 15.37 3.66 -14.14
CA GLY A 253 15.20 4.75 -13.19
C GLY A 253 14.87 4.32 -11.78
N PHE A 254 15.27 3.12 -11.39
CA PHE A 254 14.91 2.60 -10.08
C PHE A 254 15.72 3.31 -8.99
N THR A 255 15.03 3.73 -7.93
CA THR A 255 15.67 4.43 -6.83
C THR A 255 15.47 3.73 -5.49
N GLY A 256 15.00 2.48 -5.48
CA GLY A 256 14.89 1.71 -4.26
C GLY A 256 16.17 0.98 -3.91
N ALA A 257 16.17 0.39 -2.72
CA ALA A 257 17.36 -0.31 -2.22
C ALA A 257 17.66 -1.55 -3.03
N ILE A 258 18.95 -1.83 -3.19
CA ILE A 258 19.44 -3.05 -3.82
C ILE A 258 20.20 -3.85 -2.77
N PHE A 259 19.73 -5.04 -2.49
CA PHE A 259 20.38 -5.99 -1.58
C PHE A 259 21.03 -7.09 -2.42
N SER A 260 22.30 -7.37 -2.17
CA SER A 260 22.90 -8.52 -2.82
C SER A 260 22.23 -9.80 -2.30
N ASP A 261 22.07 -10.78 -3.17
CA ASP A 261 21.78 -12.13 -2.70
C ASP A 261 22.98 -12.59 -1.86
N ASP A 262 22.71 -13.54 -0.96
CA ASP A 262 23.71 -14.06 -0.04
C ASP A 262 25.04 -14.29 -0.72
N LEU A 263 26.08 -13.60 -0.25
CA LEU A 263 27.43 -13.77 -0.76
C LEU A 263 28.06 -15.09 -0.35
N SER A 264 27.46 -15.81 0.60
CA SER A 264 27.94 -17.13 0.99
C SER A 264 27.62 -18.20 -0.05
N MET A 265 26.76 -17.89 -1.03
CA MET A 265 26.36 -18.86 -2.03
C MET A 265 27.52 -19.16 -2.99
N GLU A 266 27.51 -20.37 -3.54
CA GLU A 266 28.58 -20.81 -4.43
C GLU A 266 28.73 -19.87 -5.62
N ALA A 267 27.62 -19.43 -6.20
CA ALA A 267 27.67 -18.56 -7.36
C ALA A 267 28.32 -17.21 -7.07
N ALA A 268 28.44 -16.84 -5.79
CA ALA A 268 29.01 -15.56 -5.41
C ALA A 268 30.50 -15.62 -5.15
N ARG A 269 31.11 -16.80 -5.18
CA ARG A 269 32.55 -16.96 -4.99
C ARG A 269 33.21 -16.80 -6.36
N GLU A 270 33.77 -15.62 -6.61
CA GLU A 270 34.38 -15.34 -7.90
C GLU A 270 35.84 -15.75 -7.92
N GLY A 271 36.73 -14.87 -7.47
CA GLY A 271 38.15 -15.14 -7.55
C GLY A 271 38.92 -14.66 -6.34
N GLY A 272 38.24 -14.51 -5.21
CA GLY A 272 38.89 -14.04 -4.00
C GLY A 272 38.08 -14.25 -2.73
N THR A 273 38.20 -13.31 -1.80
CA THR A 273 37.61 -13.44 -0.48
C THR A 273 36.17 -12.94 -0.46
N LEU A 274 35.49 -13.20 0.67
CA LEU A 274 34.17 -12.61 0.88
C LEU A 274 34.22 -11.09 0.85
N THR A 275 35.25 -10.51 1.47
CA THR A 275 35.36 -9.06 1.50
C THR A 275 35.47 -8.48 0.11
N GLN A 276 36.28 -9.09 -0.76
CA GLN A 276 36.40 -8.62 -2.12
C GLN A 276 35.09 -8.76 -2.89
N ALA A 277 34.36 -9.85 -2.64
CA ALA A 277 33.03 -10.00 -3.24
C ALA A 277 32.10 -8.89 -2.77
N ALA A 278 32.10 -8.61 -1.46
CA ALA A 278 31.29 -7.51 -0.94
C ALA A 278 31.67 -6.20 -1.61
N ASP A 279 32.97 -5.88 -1.64
CA ASP A 279 33.43 -4.68 -2.33
C ASP A 279 32.89 -4.62 -3.75
N ALA A 280 32.91 -5.76 -4.45
CA ALA A 280 32.50 -5.77 -5.85
C ALA A 280 31.00 -5.53 -5.99
N ALA A 281 30.20 -6.15 -5.11
CA ALA A 281 28.76 -5.95 -5.18
C ALA A 281 28.39 -4.50 -4.90
N LEU A 282 28.99 -3.91 -3.87
CA LEU A 282 28.71 -2.52 -3.56
C LEU A 282 29.18 -1.60 -4.68
N ALA A 283 30.39 -1.83 -5.19
CA ALA A 283 30.88 -1.02 -6.31
C ALA A 283 29.97 -1.14 -7.52
N ALA A 284 29.40 -2.34 -7.74
CA ALA A 284 28.53 -2.56 -8.89
C ALA A 284 27.22 -1.80 -8.75
N GLY A 285 26.77 -1.53 -7.52
CA GLY A 285 25.52 -0.82 -7.33
C GLY A 285 24.64 -1.30 -6.21
N CYS A 286 25.02 -2.40 -5.55
CA CYS A 286 24.29 -2.84 -4.36
C CYS A 286 24.40 -1.77 -3.26
N ASP A 287 23.29 -1.54 -2.56
CA ASP A 287 23.28 -0.71 -1.37
C ASP A 287 23.62 -1.50 -0.11
N MET A 288 23.27 -2.78 -0.08
CA MET A 288 23.61 -3.64 1.04
C MET A 288 24.10 -4.97 0.49
N VAL A 289 24.95 -5.63 1.26
CA VAL A 289 25.42 -6.98 0.95
C VAL A 289 24.99 -7.89 2.09
N LEU A 290 24.56 -9.10 1.74
CA LEU A 290 24.16 -10.11 2.71
C LEU A 290 25.27 -11.14 2.86
N VAL A 291 25.60 -11.46 4.11
CA VAL A 291 26.55 -12.52 4.45
C VAL A 291 25.84 -13.42 5.45
N CYS A 292 25.39 -14.58 4.99
CA CYS A 292 24.54 -15.46 5.77
C CYS A 292 25.29 -16.70 6.22
N ASN A 293 24.95 -17.17 7.42
CA ASN A 293 25.36 -18.46 7.95
C ASN A 293 26.84 -18.53 8.26
N GLN A 294 27.52 -17.39 8.40
CA GLN A 294 28.90 -17.39 8.88
C GLN A 294 29.21 -16.02 9.48
N PRO A 295 28.74 -15.74 10.70
CA PRO A 295 28.88 -14.37 11.24
C PRO A 295 30.32 -13.97 11.52
N ASP A 296 31.22 -14.90 11.81
CA ASP A 296 32.62 -14.53 11.98
C ASP A 296 33.24 -14.12 10.65
N ALA A 297 32.87 -14.81 9.56
CA ALA A 297 33.29 -14.37 8.23
C ALA A 297 32.66 -13.03 7.88
N ALA A 298 31.41 -12.82 8.29
CA ALA A 298 30.77 -11.52 8.11
C ALA A 298 31.53 -10.43 8.85
N GLU A 299 32.01 -10.75 10.06
CA GLU A 299 32.74 -9.75 10.85
C GLU A 299 34.05 -9.34 10.17
N VAL A 300 34.70 -10.27 9.47
CA VAL A 300 35.87 -9.89 8.68
C VAL A 300 35.47 -8.93 7.58
N VAL A 301 34.34 -9.18 6.93
CA VAL A 301 33.85 -8.26 5.91
C VAL A 301 33.58 -6.89 6.52
N LEU A 302 32.91 -6.87 7.67
CA LEU A 302 32.62 -5.61 8.34
C LEU A 302 33.88 -4.77 8.51
N ASN A 303 34.96 -5.39 8.95
CA ASN A 303 36.18 -4.65 9.26
C ASN A 303 37.10 -4.45 8.06
N GLY A 304 36.91 -5.19 6.98
CA GLY A 304 37.78 -5.09 5.82
C GLY A 304 37.19 -4.33 4.65
N LEU A 305 35.90 -4.02 4.75
CA LEU A 305 35.19 -3.39 3.65
C LEU A 305 35.88 -2.10 3.21
N LYS A 306 36.09 -1.96 1.91
CA LYS A 306 36.71 -0.76 1.38
C LYS A 306 35.76 0.43 1.53
N ALA A 307 36.31 1.58 1.86
CA ALA A 307 35.51 2.78 2.03
C ALA A 307 34.89 3.21 0.70
N ARG A 308 33.73 3.86 0.79
CA ARG A 308 32.97 4.23 -0.39
C ARG A 308 31.91 5.26 -0.01
N ALA A 309 31.44 5.99 -1.01
CA ALA A 309 30.33 6.90 -0.82
C ALA A 309 29.07 6.10 -0.49
N SER A 310 28.42 6.46 0.62
CA SER A 310 27.29 5.69 1.12
C SER A 310 26.04 6.53 1.36
N ALA A 311 26.10 7.85 1.20
CA ALA A 311 24.96 8.70 1.55
C ALA A 311 23.72 8.32 0.76
N GLU A 312 23.85 8.18 -0.56
CA GLU A 312 22.71 7.78 -1.38
C GLU A 312 22.18 6.42 -0.96
N SER A 313 23.09 5.49 -0.63
CA SER A 313 22.67 4.18 -0.17
C SER A 313 21.89 4.27 1.13
N VAL A 314 22.35 5.10 2.07
CA VAL A 314 21.71 5.18 3.38
C VAL A 314 20.28 5.68 3.25
N ARG A 315 20.04 6.63 2.33
CA ARG A 315 18.66 7.09 2.12
C ARG A 315 17.76 5.91 1.77
N ARG A 316 18.23 5.02 0.88
CA ARG A 316 17.40 3.92 0.43
C ARG A 316 17.23 2.87 1.53
N ILE A 317 18.29 2.63 2.32
CA ILE A 317 18.22 1.61 3.36
C ILE A 317 17.21 2.02 4.44
N LYS A 318 17.23 3.29 4.85
CA LYS A 318 16.31 3.73 5.89
C LYS A 318 14.86 3.63 5.42
N ARG A 319 14.60 3.83 4.12
CA ARG A 319 13.26 3.75 3.58
C ARG A 319 12.73 2.33 3.52
N MET A 320 13.53 1.33 3.87
CA MET A 320 13.05 -0.04 3.97
C MET A 320 12.51 -0.38 5.35
N ARG A 321 12.69 0.51 6.33
CA ARG A 321 12.12 0.28 7.66
C ARG A 321 10.60 0.31 7.58
N ALA A 322 9.96 -0.57 8.34
CA ALA A 322 8.50 -0.58 8.38
C ALA A 322 7.98 0.78 8.83
N ARG A 323 6.83 1.17 8.30
CA ARG A 323 6.28 2.51 8.50
C ARG A 323 5.10 2.45 9.47
N GLY A 324 5.05 3.43 10.37
CA GLY A 324 3.93 3.54 11.30
C GLY A 324 3.98 2.52 12.41
N LYS A 325 2.88 2.46 13.15
CA LYS A 325 2.77 1.54 14.27
C LYS A 325 2.28 0.18 13.79
N ALA A 326 2.63 -0.84 14.55
CA ALA A 326 2.22 -2.21 14.25
C ALA A 326 1.41 -2.77 15.41
N LEU A 327 0.34 -3.49 15.08
CA LEU A 327 -0.43 -4.19 16.10
C LEU A 327 0.39 -5.33 16.68
N LYS A 328 0.30 -5.49 17.99
CA LYS A 328 0.87 -6.67 18.64
C LYS A 328 -0.07 -7.85 18.44
N TRP A 329 0.45 -9.06 18.70
CA TRP A 329 -0.31 -10.27 18.42
C TRP A 329 -1.65 -10.26 19.14
N ASP A 330 -1.69 -9.84 20.40
CA ASP A 330 -2.94 -9.90 21.16
C ASP A 330 -4.03 -9.03 20.54
N LYS A 331 -3.65 -7.99 19.78
CA LYS A 331 -4.62 -7.15 19.09
C LYS A 331 -4.89 -7.63 17.67
N LEU A 332 -3.86 -8.14 16.98
CA LEU A 332 -4.02 -8.58 15.60
C LEU A 332 -4.97 -9.78 15.51
N ILE A 333 -4.90 -10.70 16.46
CA ILE A 333 -5.69 -11.92 16.40
C ILE A 333 -7.19 -11.62 16.44
N ALA A 334 -7.59 -10.43 16.88
CA ALA A 334 -9.00 -10.08 16.96
C ALA A 334 -9.42 -9.10 15.88
N GLN A 335 -8.52 -8.66 15.03
CA GLN A 335 -8.82 -7.60 14.08
C GLN A 335 -9.72 -8.11 12.96
N PRO A 336 -10.84 -7.45 12.67
CA PRO A 336 -11.70 -7.93 11.56
C PRO A 336 -10.97 -8.08 10.23
N GLU A 337 -10.11 -7.12 9.87
CA GLU A 337 -9.43 -7.21 8.57
C GLU A 337 -8.53 -8.44 8.51
N TYR A 338 -7.77 -8.69 9.58
CA TYR A 338 -6.96 -9.89 9.67
C TYR A 338 -7.81 -11.15 9.55
N LEU A 339 -8.95 -11.17 10.26
CA LEU A 339 -9.82 -12.34 10.21
C LEU A 339 -10.47 -12.50 8.85
N GLN A 340 -10.84 -11.37 8.21
CA GLN A 340 -11.37 -11.42 6.85
C GLN A 340 -10.35 -12.03 5.89
N ALA A 341 -9.10 -11.57 5.98
CA ALA A 341 -8.06 -12.09 5.10
C ALA A 341 -7.84 -13.58 5.32
N GLN A 342 -7.80 -14.00 6.58
CA GLN A 342 -7.66 -15.42 6.90
C GLN A 342 -8.78 -16.24 6.27
N ALA A 343 -10.02 -15.75 6.35
CA ALA A 343 -11.15 -16.50 5.81
C ALA A 343 -11.10 -16.54 4.28
N LEU A 344 -10.64 -15.47 3.64
CA LEU A 344 -10.51 -15.47 2.19
C LEU A 344 -9.48 -16.50 1.74
N LEU A 345 -8.33 -16.55 2.41
CA LEU A 345 -7.31 -17.52 2.05
C LEU A 345 -7.84 -18.94 2.13
N SER A 346 -8.61 -19.25 3.19
CA SER A 346 -9.09 -20.62 3.39
CA SER A 346 -9.09 -20.62 3.39
C SER A 346 -10.12 -21.02 2.35
N SER A 347 -10.95 -20.07 1.89
CA SER A 347 -11.98 -20.41 0.93
C SER A 347 -11.48 -20.40 -0.51
N ALA A 348 -10.66 -19.40 -0.86
CA ALA A 348 -10.26 -19.24 -2.26
C ALA A 348 -9.28 -20.30 -2.72
N LEU A 349 -8.50 -20.90 -1.82
CA LEU A 349 -7.48 -21.86 -2.20
C LEU A 349 -7.89 -23.29 -1.81
N THR B 11 -8.95 11.57 23.60
CA THR B 11 -10.30 11.05 23.76
C THR B 11 -10.72 10.26 22.52
N THR B 12 -11.99 9.85 22.45
CA THR B 12 -12.45 9.02 21.35
C THR B 12 -13.24 9.85 20.34
N PRO B 13 -13.04 9.64 19.05
CA PRO B 13 -13.77 10.44 18.05
C PRO B 13 -15.24 10.08 18.00
N GLY B 14 -16.06 11.10 17.74
CA GLY B 14 -17.48 10.92 17.57
C GLY B 14 -17.84 10.58 16.14
N PRO B 15 -19.15 10.52 15.85
CA PRO B 15 -19.59 10.11 14.50
C PRO B 15 -19.85 11.24 13.51
N VAL B 16 -19.66 12.50 13.89
CA VAL B 16 -20.03 13.63 13.04
C VAL B 16 -18.77 14.23 12.43
N MET B 17 -18.77 14.39 11.11
CA MET B 17 -17.74 15.13 10.39
C MET B 17 -18.37 16.40 9.84
N LEU B 18 -17.84 17.55 10.24
CA LEU B 18 -18.33 18.84 9.80
C LEU B 18 -17.18 19.64 9.20
N ASP B 19 -17.47 20.87 8.77
CA ASP B 19 -16.44 21.77 8.30
C ASP B 19 -16.31 22.95 9.26
N VAL B 20 -15.20 23.66 9.14
CA VAL B 20 -14.98 24.89 9.91
C VAL B 20 -15.40 26.06 9.02
N VAL B 21 -15.54 27.24 9.64
CA VAL B 21 -16.17 28.34 8.91
C VAL B 21 -15.22 28.93 7.87
N GLY B 22 -13.92 28.92 8.12
CA GLY B 22 -13.01 29.66 7.26
C GLY B 22 -11.59 29.19 7.27
N THR B 23 -10.70 30.12 6.91
CA THR B 23 -9.29 29.81 6.76
C THR B 23 -8.51 29.87 8.06
N THR B 24 -9.07 30.51 9.08
CA THR B 24 -8.50 30.51 10.42
C THR B 24 -9.58 30.05 11.39
N LEU B 25 -9.20 29.23 12.36
CA LEU B 25 -10.16 28.65 13.28
C LEU B 25 -10.76 29.73 14.18
N SER B 26 -12.08 29.72 14.31
CA SER B 26 -12.78 30.63 15.21
C SER B 26 -13.06 29.94 16.54
N ARG B 27 -13.55 30.73 17.50
CA ARG B 27 -13.93 30.16 18.80
C ARG B 27 -15.12 29.22 18.64
N ASP B 28 -16.05 29.56 17.75
CA ASP B 28 -17.18 28.68 17.51
C ASP B 28 -16.72 27.34 16.94
N ASP B 29 -15.78 27.37 15.99
CA ASP B 29 -15.19 26.14 15.50
C ASP B 29 -14.63 25.31 16.64
N ALA B 30 -13.84 25.93 17.51
CA ALA B 30 -13.19 25.21 18.60
C ALA B 30 -14.23 24.56 19.51
N ARG B 31 -15.33 25.27 19.79
CA ARG B 31 -16.39 24.69 20.62
C ARG B 31 -16.92 23.41 19.98
N ARG B 32 -17.20 23.45 18.68
CA ARG B 32 -17.71 22.27 17.99
C ARG B 32 -16.66 21.16 17.97
N LEU B 33 -15.41 21.49 17.62
CA LEU B 33 -14.37 20.47 17.56
C LEU B 33 -14.20 19.75 18.89
N ALA B 34 -14.48 20.42 20.00
CA ALA B 34 -14.37 19.81 21.32
C ALA B 34 -15.57 18.95 21.69
N HIS B 35 -16.65 19.02 20.91
CA HIS B 35 -17.85 18.28 21.25
C HIS B 35 -17.56 16.78 21.16
N PRO B 36 -18.00 15.98 22.13
CA PRO B 36 -17.72 14.54 22.07
C PRO B 36 -18.23 13.87 20.80
N ASN B 37 -19.31 14.38 20.21
CA ASN B 37 -19.86 13.77 19.00
C ASN B 37 -19.13 14.19 17.73
N THR B 38 -18.13 15.06 17.82
CA THR B 38 -17.31 15.40 16.67
C THR B 38 -16.19 14.38 16.51
N GLY B 39 -15.99 13.93 15.27
CA GLY B 39 -14.98 12.94 14.96
C GLY B 39 -14.12 13.30 13.76
N GLY B 40 -14.54 14.30 12.97
CA GLY B 40 -13.76 14.63 11.79
C GLY B 40 -14.06 16.03 11.31
N VAL B 41 -13.18 16.48 10.42
CA VAL B 41 -13.35 17.74 9.70
C VAL B 41 -13.15 17.45 8.21
N ILE B 42 -14.00 18.03 7.38
CA ILE B 42 -13.85 17.97 5.93
C ILE B 42 -13.57 19.38 5.44
N LEU B 43 -12.57 19.51 4.58
CA LEU B 43 -12.14 20.79 4.04
C LEU B 43 -12.66 20.95 2.62
N PHE B 44 -12.93 22.19 2.25
CA PHE B 44 -13.38 22.56 0.91
C PHE B 44 -12.46 23.65 0.37
N ALA B 45 -12.71 24.06 -0.87
CA ALA B 45 -11.83 25.04 -1.52
C ALA B 45 -11.73 26.32 -0.70
N ARG B 46 -12.83 26.75 -0.10
CA ARG B 46 -12.85 28.00 0.63
C ARG B 46 -11.98 27.97 1.88
N HIS B 47 -11.45 26.82 2.26
CA HIS B 47 -10.54 26.73 3.40
C HIS B 47 -9.08 26.80 2.98
N PHE B 48 -8.81 27.08 1.71
CA PHE B 48 -7.44 27.06 1.19
C PHE B 48 -7.09 28.41 0.56
N GLN B 49 -6.12 29.10 1.15
CA GLN B 49 -5.46 30.23 0.52
C GLN B 49 -4.10 29.83 -0.03
N ASN B 50 -3.31 29.12 0.77
CA ASN B 50 -2.00 28.64 0.38
C ASN B 50 -1.58 27.57 1.37
N ARG B 51 -0.43 26.94 1.12
CA ARG B 51 -0.01 25.82 1.95
C ARG B 51 0.34 26.26 3.38
N ALA B 52 0.96 27.42 3.53
CA ALA B 52 1.28 27.90 4.88
C ALA B 52 0.01 28.10 5.70
N GLN B 53 -1.01 28.70 5.10
CA GLN B 53 -2.27 28.91 5.80
C GLN B 53 -2.98 27.59 6.07
N LEU B 54 -2.94 26.67 5.10
CA LEU B 54 -3.62 25.38 5.27
C LEU B 54 -2.96 24.55 6.36
N THR B 55 -1.61 24.50 6.37
CA THR B 55 -0.91 23.76 7.42
C THR B 55 -1.21 24.35 8.79
N ALA B 56 -1.23 25.68 8.90
CA ALA B 56 -1.57 26.30 10.18
C ALA B 56 -2.98 25.90 10.60
N LEU B 57 -3.91 25.87 9.64
CA LEU B 57 -5.30 25.53 9.97
C LEU B 57 -5.39 24.10 10.51
N THR B 58 -4.80 23.13 9.80
CA THR B 58 -4.87 21.75 10.26
C THR B 58 -4.13 21.58 11.59
N ASP B 59 -3.01 22.27 11.77
CA ASP B 59 -2.34 22.25 13.06
C ASP B 59 -3.25 22.75 14.17
N SER B 60 -3.98 23.84 13.93
CA SER B 60 -4.85 24.39 14.96
C SER B 60 -6.04 23.48 15.22
N ILE B 61 -6.50 22.76 14.20
CA ILE B 61 -7.61 21.83 14.39
C ILE B 61 -7.18 20.68 15.31
N ARG B 62 -6.00 20.12 15.05
CA ARG B 62 -5.51 19.02 15.87
C ARG B 62 -5.14 19.50 17.27
N ALA B 63 -4.72 20.75 17.41
CA ALA B 63 -4.44 21.29 18.73
C ALA B 63 -5.68 21.27 19.62
N VAL B 64 -6.86 21.45 19.03
CA VAL B 64 -8.10 21.39 19.79
C VAL B 64 -8.51 19.94 20.04
N ARG B 65 -8.48 19.11 19.00
CA ARG B 65 -8.97 17.74 19.05
C ARG B 65 -7.89 16.84 18.43
N GLU B 66 -7.07 16.22 19.30
CA GLU B 66 -5.94 15.45 18.81
C GLU B 66 -6.37 14.23 17.99
N ASP B 67 -7.52 13.63 18.33
CA ASP B 67 -7.97 12.40 17.68
C ASP B 67 -8.83 12.66 16.45
N ILE B 68 -8.84 13.90 15.94
CA ILE B 68 -9.73 14.28 14.85
C ILE B 68 -9.19 13.75 13.53
N LEU B 69 -10.12 13.40 12.63
CA LEU B 69 -9.81 12.98 11.27
C LEU B 69 -10.06 14.15 10.33
N ILE B 70 -9.08 14.47 9.49
CA ILE B 70 -9.16 15.61 8.57
C ILE B 70 -9.14 15.06 7.15
N ALA B 71 -10.20 15.35 6.39
CA ALA B 71 -10.39 14.79 5.06
C ALA B 71 -10.71 15.90 4.06
N VAL B 72 -10.59 15.56 2.78
CA VAL B 72 -10.87 16.48 1.69
C VAL B 72 -11.27 15.67 0.46
N ASP B 73 -11.99 16.32 -0.46
CA ASP B 73 -12.34 15.71 -1.75
C ASP B 73 -11.24 16.03 -2.74
N HIS B 74 -10.25 15.14 -2.82
CA HIS B 74 -9.20 15.23 -3.84
C HIS B 74 -9.31 13.98 -4.71
N GLU B 75 -10.07 14.11 -5.80
CA GLU B 75 -10.17 13.07 -6.82
C GLU B 75 -9.26 13.36 -8.01
N GLY B 76 -9.13 14.61 -8.40
CA GLY B 76 -8.55 14.99 -9.67
C GLY B 76 -9.62 15.52 -10.62
N GLY B 77 -9.14 16.14 -11.69
CA GLY B 77 -10.06 16.68 -12.68
C GLY B 77 -10.98 17.71 -12.07
N ARG B 78 -12.29 17.46 -12.16
CA ARG B 78 -13.29 18.44 -11.73
C ARG B 78 -13.45 18.52 -10.23
N VAL B 79 -12.85 17.60 -9.46
CA VAL B 79 -13.00 17.57 -8.00
C VAL B 79 -11.61 17.54 -7.39
N GLN B 80 -11.08 18.73 -7.06
CA GLN B 80 -9.81 18.85 -6.36
C GLN B 80 -9.79 20.23 -5.71
N ARG B 81 -9.90 20.26 -4.38
CA ARG B 81 -10.10 21.52 -3.68
C ARG B 81 -8.87 22.42 -3.74
N PHE B 82 -7.68 21.83 -3.60
CA PHE B 82 -6.43 22.59 -3.54
C PHE B 82 -5.66 22.35 -4.84
N ARG B 83 -5.54 23.40 -5.65
CA ARG B 83 -4.91 23.30 -6.96
C ARG B 83 -3.76 24.27 -7.16
N THR B 84 -3.39 25.06 -6.15
CA THR B 84 -2.40 26.12 -6.32
C THR B 84 -1.33 26.02 -5.25
N ASP B 85 -0.37 26.95 -5.32
CA ASP B 85 0.74 27.07 -4.39
C ASP B 85 1.52 25.76 -4.25
N GLY B 86 1.76 25.09 -5.37
CA GLY B 86 2.56 23.89 -5.42
C GLY B 86 1.75 22.62 -5.61
N PHE B 87 0.48 22.61 -5.21
CA PHE B 87 -0.34 21.43 -5.42
C PHE B 87 -0.37 21.06 -6.89
N THR B 88 -0.25 19.76 -7.16
CA THR B 88 -0.27 19.26 -8.53
C THR B 88 -1.72 19.10 -8.98
N VAL B 89 -2.07 19.76 -10.08
CA VAL B 89 -3.39 19.55 -10.67
C VAL B 89 -3.45 18.15 -11.23
N LEU B 90 -4.35 17.34 -10.71
CA LEU B 90 -4.41 15.94 -11.08
C LEU B 90 -5.44 15.72 -12.19
N PRO B 91 -5.23 14.69 -13.01
CA PRO B 91 -6.17 14.44 -14.12
C PRO B 91 -7.48 13.88 -13.62
N ALA B 92 -8.52 14.05 -14.45
CA ALA B 92 -9.76 13.32 -14.24
C ALA B 92 -9.48 11.82 -14.33
N MET B 93 -10.13 11.05 -13.46
CA MET B 93 -9.88 9.62 -13.44
C MET B 93 -10.24 8.96 -14.76
N ARG B 94 -11.16 9.54 -15.53
CA ARG B 94 -11.43 9.03 -16.86
C ARG B 94 -10.17 8.97 -17.71
N ARG B 95 -9.23 9.90 -17.50
CA ARG B 95 -7.99 9.89 -18.25
C ARG B 95 -7.21 8.60 -18.04
N LEU B 96 -7.28 8.03 -16.83
CA LEU B 96 -6.56 6.80 -16.57
C LEU B 96 -7.22 5.61 -17.25
N GLY B 97 -8.54 5.59 -17.35
CA GLY B 97 -9.21 4.56 -18.12
C GLY B 97 -8.89 4.64 -19.59
N GLU B 98 -8.79 5.87 -20.13
CA GLU B 98 -8.42 6.02 -21.55
C GLU B 98 -7.02 5.49 -21.80
N LEU B 99 -6.08 5.75 -20.89
CA LEU B 99 -4.74 5.22 -21.02
C LEU B 99 -4.75 3.70 -20.90
N TRP B 100 -5.58 3.16 -20.00
CA TRP B 100 -5.73 1.70 -19.89
C TRP B 100 -6.09 1.10 -21.24
N ASP B 101 -6.98 1.76 -21.99
CA ASP B 101 -7.42 1.21 -23.27
C ASP B 101 -6.28 1.15 -24.29
N ARG B 102 -5.20 1.91 -24.07
CA ARG B 102 -4.04 1.86 -24.94
CA ARG B 102 -4.04 1.86 -24.94
C ARG B 102 -2.88 1.05 -24.37
N ASP B 103 -2.70 1.06 -23.05
CA ASP B 103 -1.58 0.39 -22.40
C ASP B 103 -2.00 0.06 -20.98
N VAL B 104 -2.41 -1.20 -20.76
CA VAL B 104 -2.95 -1.61 -19.45
C VAL B 104 -1.89 -1.41 -18.36
N LEU B 105 -0.71 -1.99 -18.55
CA LEU B 105 0.31 -1.97 -17.50
C LEU B 105 0.77 -0.54 -17.21
N LEU B 106 1.01 0.25 -18.27
CA LEU B 106 1.39 1.64 -18.05
C LEU B 106 0.32 2.38 -17.25
N ALA B 107 -0.96 2.10 -17.53
CA ALA B 107 -2.03 2.75 -16.80
C ALA B 107 -1.96 2.47 -15.30
N THR B 108 -1.69 1.21 -14.92
CA THR B 108 -1.60 0.89 -13.51
C THR B 108 -0.41 1.60 -12.86
N LYS B 109 0.71 1.66 -13.58
CA LYS B 109 1.89 2.36 -13.07
C LYS B 109 1.57 3.83 -12.85
N VAL B 110 0.86 4.45 -13.80
CA VAL B 110 0.54 5.87 -13.68
C VAL B 110 -0.47 6.09 -12.57
N ALA B 111 -1.45 5.18 -12.43
CA ALA B 111 -2.44 5.32 -11.36
C ALA B 111 -1.77 5.36 -9.99
N THR B 112 -0.75 4.51 -9.78
CA THR B 112 -0.04 4.53 -8.51
C THR B 112 0.72 5.84 -8.33
N ALA B 113 1.35 6.35 -9.40
CA ALA B 113 2.06 7.61 -9.32
C ALA B 113 1.12 8.75 -8.95
N VAL B 114 -0.07 8.79 -9.55
CA VAL B 114 -1.06 9.80 -9.21
C VAL B 114 -1.43 9.70 -7.73
N GLY B 115 -1.72 8.48 -7.28
CA GLY B 115 -2.10 8.30 -5.88
C GLY B 115 -1.02 8.75 -4.93
N TYR B 116 0.25 8.47 -5.25
CA TYR B 116 1.34 8.87 -4.37
C TYR B 116 1.46 10.39 -4.29
N ILE B 117 1.40 11.08 -5.43
CA ILE B 117 1.47 12.55 -5.41
C ILE B 117 0.29 13.11 -4.64
N LEU B 118 -0.91 12.63 -4.96
CA LEU B 118 -2.12 13.06 -4.27
C LEU B 118 -1.96 13.00 -2.76
N ALA B 119 -1.55 11.84 -2.25
CA ALA B 119 -1.49 11.65 -0.80
C ALA B 119 -0.33 12.41 -0.18
N ALA B 120 0.85 12.36 -0.80
CA ALA B 120 2.02 12.99 -0.19
C ALA B 120 1.84 14.49 -0.06
N GLU B 121 1.25 15.13 -1.07
CA GLU B 121 1.04 16.57 -0.99
C GLU B 121 0.05 16.92 0.11
N LEU B 122 -0.98 16.09 0.28
CA LEU B 122 -1.94 16.32 1.36
C LEU B 122 -1.34 16.06 2.73
N ARG B 123 -0.54 14.98 2.86
CA ARG B 123 0.14 14.71 4.11
C ARG B 123 1.03 15.89 4.52
N ALA B 124 1.70 16.51 3.54
CA ALA B 124 2.59 17.62 3.83
C ALA B 124 1.85 18.82 4.41
N CYS B 125 0.53 18.87 4.26
CA CYS B 125 -0.29 19.95 4.80
C CYS B 125 -1.15 19.50 5.97
N GLY B 126 -0.88 18.32 6.53
CA GLY B 126 -1.56 17.91 7.75
C GLY B 126 -2.93 17.28 7.55
N ILE B 127 -3.19 16.70 6.39
CA ILE B 127 -4.48 16.11 6.09
C ILE B 127 -4.36 14.60 6.12
N ASP B 128 -5.40 13.92 6.65
CA ASP B 128 -5.36 12.48 6.84
C ASP B 128 -5.69 11.72 5.56
N MET B 129 -6.73 12.14 4.84
CA MET B 129 -7.26 11.31 3.77
C MET B 129 -8.00 12.14 2.74
N SER B 130 -8.15 11.56 1.56
CA SER B 130 -9.01 12.08 0.50
C SER B 130 -10.16 11.11 0.26
N PHE B 131 -11.36 11.65 0.00
CA PHE B 131 -12.51 10.83 -0.37
C PHE B 131 -12.37 10.45 -1.85
N THR B 132 -11.55 9.43 -2.09
CA THR B 132 -11.28 8.89 -3.41
C THR B 132 -10.85 7.44 -3.18
N PRO B 133 -11.12 6.53 -4.13
CA PRO B 133 -11.57 6.67 -5.51
C PRO B 133 -13.07 6.53 -5.78
N VAL B 134 -13.52 7.25 -6.81
CA VAL B 134 -14.83 7.01 -7.38
C VAL B 134 -14.82 5.65 -8.05
N LEU B 135 -15.71 4.77 -7.62
CA LEU B 135 -15.85 3.45 -8.22
C LEU B 135 -17.08 3.36 -9.11
N ASP B 136 -17.83 4.46 -9.27
CA ASP B 136 -18.99 4.47 -10.16
C ASP B 136 -18.55 4.14 -11.58
N LEU B 137 -19.39 3.38 -12.29
CA LEU B 137 -19.09 2.99 -13.65
C LEU B 137 -19.52 4.08 -14.62
N ASP B 138 -18.75 4.24 -15.70
CA ASP B 138 -19.00 5.29 -16.69
C ASP B 138 -20.01 4.78 -17.70
N TYR B 139 -21.27 4.76 -17.30
CA TYR B 139 -22.35 4.43 -18.23
C TYR B 139 -22.60 5.53 -19.23
N GLY B 140 -22.14 6.75 -18.97
CA GLY B 140 -22.51 7.90 -19.76
C GLY B 140 -23.86 8.47 -19.42
N HIS B 141 -24.46 8.06 -18.29
CA HIS B 141 -25.78 8.52 -17.89
C HIS B 141 -25.74 9.68 -16.90
N SER B 142 -24.68 9.79 -16.10
CA SER B 142 -24.66 10.67 -14.94
C SER B 142 -23.76 11.88 -15.19
N LYS B 143 -24.36 13.08 -15.19
CA LYS B 143 -23.57 14.29 -15.33
C LYS B 143 -22.74 14.56 -14.09
N VAL B 144 -23.30 14.34 -12.89
CA VAL B 144 -22.58 14.66 -11.67
C VAL B 144 -21.33 13.79 -11.54
N ILE B 145 -21.37 12.58 -12.07
CA ILE B 145 -20.20 11.70 -12.05
C ILE B 145 -19.30 12.07 -13.24
N GLY B 146 -19.79 11.84 -14.45
CA GLY B 146 -19.07 12.28 -15.63
C GLY B 146 -17.67 11.69 -15.68
N ASP B 147 -16.69 12.54 -15.94
CA ASP B 147 -15.31 12.08 -16.07
C ASP B 147 -14.66 11.76 -14.73
N ARG B 148 -15.42 11.80 -13.62
CA ARG B 148 -14.91 11.33 -12.33
C ARG B 148 -14.80 9.81 -12.28
N ALA B 149 -15.45 9.09 -13.20
CA ALA B 149 -15.40 7.64 -13.23
C ALA B 149 -14.20 7.18 -14.03
N PHE B 150 -13.56 6.09 -13.57
CA PHE B 150 -12.38 5.57 -14.24
C PHE B 150 -12.72 5.05 -15.64
N HIS B 151 -13.78 4.26 -15.74
CA HIS B 151 -14.00 3.41 -16.91
C HIS B 151 -15.42 2.87 -16.83
N ARG B 152 -15.86 2.28 -17.94
CA ARG B 152 -17.17 1.63 -17.98
C ARG B 152 -17.11 0.24 -17.36
N ASP B 153 -16.02 -0.48 -17.58
CA ASP B 153 -15.90 -1.87 -17.18
C ASP B 153 -15.52 -1.97 -15.71
N PRO B 154 -16.28 -2.70 -14.88
CA PRO B 154 -15.96 -2.75 -13.45
C PRO B 154 -14.62 -3.42 -13.16
N ARG B 155 -14.16 -4.33 -14.02
CA ARG B 155 -12.85 -4.95 -13.82
C ARG B 155 -11.73 -3.93 -14.02
N VAL B 156 -11.90 -3.03 -14.99
CA VAL B 156 -10.92 -1.97 -15.21
C VAL B 156 -10.96 -0.97 -14.06
N VAL B 157 -12.17 -0.57 -13.64
CA VAL B 157 -12.30 0.33 -12.50
C VAL B 157 -11.60 -0.27 -11.29
N THR B 158 -11.75 -1.58 -11.09
CA THR B 158 -11.20 -2.22 -9.90
C THR B 158 -9.68 -2.11 -9.87
N LEU B 159 -9.02 -2.53 -10.95
CA LEU B 159 -7.55 -2.59 -10.94
C LEU B 159 -6.93 -1.20 -11.02
N LEU B 160 -7.56 -0.25 -11.70
CA LEU B 160 -7.07 1.12 -11.70
C LEU B 160 -7.24 1.75 -10.32
N ALA B 161 -8.42 1.59 -9.71
CA ALA B 161 -8.62 2.12 -8.37
C ALA B 161 -7.69 1.46 -7.37
N LYS B 162 -7.44 0.16 -7.54
CA LYS B 162 -6.52 -0.54 -6.64
C LYS B 162 -5.11 0.01 -6.76
N SER B 163 -4.66 0.25 -8.00
CA SER B 163 -3.34 0.85 -8.20
C SER B 163 -3.29 2.26 -7.61
N LEU B 164 -4.36 3.04 -7.77
CA LEU B 164 -4.42 4.35 -7.14
C LEU B 164 -4.31 4.22 -5.62
N ASN B 165 -5.14 3.36 -5.03
CA ASN B 165 -5.11 3.16 -3.58
C ASN B 165 -3.74 2.68 -3.11
N HIS B 166 -3.05 1.89 -3.93
CA HIS B 166 -1.69 1.49 -3.61
C HIS B 166 -0.79 2.72 -3.46
N GLY B 167 -0.87 3.63 -4.44
CA GLY B 167 -0.08 4.84 -4.35
C GLY B 167 -0.41 5.67 -3.12
N LEU B 168 -1.69 5.80 -2.81
CA LEU B 168 -2.08 6.46 -1.58
C LEU B 168 -1.43 5.80 -0.38
N SER B 169 -1.41 4.47 -0.36
CA SER B 169 -0.86 3.73 0.77
C SER B 169 0.65 3.91 0.90
N LEU B 170 1.34 4.14 -0.22
CA LEU B 170 2.77 4.37 -0.17
C LEU B 170 3.11 5.59 0.68
N ALA B 171 2.20 6.56 0.76
CA ALA B 171 2.37 7.74 1.60
C ALA B 171 1.63 7.62 2.93
N GLY B 172 1.13 6.42 3.26
CA GLY B 172 0.46 6.19 4.53
C GLY B 172 -1.00 6.59 4.56
N MET B 173 -1.60 6.87 3.41
CA MET B 173 -2.97 7.37 3.34
C MET B 173 -3.93 6.25 2.96
N ALA B 174 -5.10 6.26 3.60
CA ALA B 174 -6.16 5.30 3.29
C ALA B 174 -6.93 5.75 2.06
N ASN B 175 -8.19 5.34 1.96
CA ASN B 175 -9.00 5.64 0.79
C ASN B 175 -10.46 5.49 1.15
N CYS B 176 -11.33 5.79 0.19
CA CYS B 176 -12.77 5.67 0.39
C CYS B 176 -13.44 5.53 -0.95
N GLY B 177 -13.99 4.35 -1.25
CA GLY B 177 -14.72 4.15 -2.48
C GLY B 177 -16.12 4.75 -2.43
N LYS B 178 -16.57 5.24 -3.58
CA LYS B 178 -17.87 5.90 -3.67
C LYS B 178 -18.36 5.87 -5.11
N HIS B 179 -19.69 5.92 -5.31
CA HIS B 179 -20.71 6.07 -4.26
C HIS B 179 -21.58 4.82 -4.21
N PHE B 180 -21.44 4.07 -3.12
CA PHE B 180 -21.98 2.72 -3.05
C PHE B 180 -23.51 2.75 -2.98
N PRO B 181 -24.19 1.85 -3.72
CA PRO B 181 -23.68 0.76 -4.56
C PRO B 181 -23.44 1.13 -6.02
N GLY B 182 -23.52 2.42 -6.35
CA GLY B 182 -23.26 2.86 -7.71
C GLY B 182 -24.12 4.04 -8.15
N HIS B 183 -23.47 5.18 -8.35
CA HIS B 183 -24.13 6.40 -8.80
C HIS B 183 -24.03 6.60 -10.31
N GLY B 184 -23.41 5.67 -11.04
CA GLY B 184 -23.12 5.87 -12.44
C GLY B 184 -24.25 5.57 -13.39
N PHE B 185 -25.25 4.79 -12.96
CA PHE B 185 -26.34 4.42 -13.86
C PHE B 185 -27.49 5.41 -13.81
N ALA B 186 -27.81 5.92 -12.62
CA ALA B 186 -28.88 6.90 -12.48
C ALA B 186 -28.51 8.21 -13.17
N GLU B 187 -29.53 9.00 -13.48
CA GLU B 187 -29.35 10.23 -14.25
C GLU B 187 -29.22 11.48 -13.38
N ALA B 188 -29.96 11.55 -12.28
CA ALA B 188 -30.08 12.78 -11.53
C ALA B 188 -28.86 13.04 -10.64
N ASP B 189 -28.71 14.30 -10.24
CA ASP B 189 -27.64 14.76 -9.36
C ASP B 189 -28.18 14.84 -7.93
N SER B 190 -27.60 14.04 -7.03
CA SER B 190 -28.12 13.93 -5.67
C SER B 190 -27.84 15.17 -4.82
N HIS B 191 -27.08 16.15 -5.33
CA HIS B 191 -26.94 17.41 -4.62
C HIS B 191 -28.25 18.21 -4.63
N VAL B 192 -29.03 18.11 -5.71
CA VAL B 192 -30.19 18.97 -5.91
C VAL B 192 -31.45 18.19 -6.22
N ALA B 193 -31.37 16.87 -6.36
CA ALA B 193 -32.53 16.06 -6.73
C ALA B 193 -32.39 14.70 -6.06
N LEU B 194 -33.37 13.82 -6.30
CA LEU B 194 -33.42 12.49 -5.70
C LEU B 194 -33.32 11.44 -6.80
N PRO B 195 -32.11 11.01 -7.16
CA PRO B 195 -31.98 10.04 -8.25
C PRO B 195 -32.58 8.69 -7.87
N THR B 196 -33.06 7.98 -8.88
CA THR B 196 -33.59 6.63 -8.72
C THR B 196 -32.90 5.70 -9.70
N ASP B 197 -32.83 4.42 -9.31
CA ASP B 197 -32.20 3.39 -10.12
C ASP B 197 -33.14 2.19 -10.14
N ASP B 198 -33.64 1.84 -11.31
CA ASP B 198 -34.69 0.84 -11.46
C ASP B 198 -34.16 -0.56 -11.74
N ARG B 199 -32.87 -0.80 -11.60
CA ARG B 199 -32.31 -2.09 -11.95
C ARG B 199 -32.52 -3.11 -10.83
N THR B 200 -32.37 -4.38 -11.19
CA THR B 200 -32.50 -5.47 -10.22
C THR B 200 -31.23 -5.58 -9.38
N LEU B 201 -31.38 -6.21 -8.21
CA LEU B 201 -30.24 -6.43 -7.34
C LEU B 201 -29.14 -7.19 -8.07
N ASP B 202 -29.50 -8.27 -8.77
CA ASP B 202 -28.52 -9.07 -9.48
C ASP B 202 -27.74 -8.24 -10.50
N ALA B 203 -28.42 -7.34 -11.20
CA ALA B 203 -27.74 -6.51 -12.18
C ALA B 203 -26.80 -5.52 -11.50
N ILE B 204 -27.23 -4.94 -10.38
CA ILE B 204 -26.37 -4.01 -9.64
C ILE B 204 -25.18 -4.75 -9.07
N LEU B 205 -25.41 -5.94 -8.48
CA LEU B 205 -24.31 -6.70 -7.92
C LEU B 205 -23.33 -7.15 -9.00
N GLU B 206 -23.84 -7.44 -10.20
CA GLU B 206 -22.99 -7.98 -11.26
C GLU B 206 -22.00 -6.95 -11.77
N GLN B 207 -22.39 -5.68 -11.82
CA GLN B 207 -21.57 -4.63 -12.40
C GLN B 207 -21.13 -3.62 -11.36
N ASP B 208 -22.04 -2.75 -10.90
CA ASP B 208 -21.65 -1.57 -10.13
C ASP B 208 -21.04 -1.93 -8.78
N VAL B 209 -21.49 -3.02 -8.15
CA VAL B 209 -20.95 -3.38 -6.84
C VAL B 209 -19.64 -4.15 -6.94
N ALA B 210 -19.40 -4.82 -8.07
CA ALA B 210 -18.25 -5.70 -8.20
C ALA B 210 -16.92 -5.09 -7.77
N PRO B 211 -16.62 -3.81 -8.05
CA PRO B 211 -15.34 -3.25 -7.57
C PRO B 211 -15.22 -3.25 -6.06
N TYR B 212 -16.30 -2.93 -5.35
CA TYR B 212 -16.28 -2.99 -3.90
C TYR B 212 -15.95 -4.39 -3.41
N ASP B 213 -16.51 -5.41 -4.07
CA ASP B 213 -16.26 -6.79 -3.69
C ASP B 213 -14.84 -7.23 -4.06
N TRP B 214 -14.37 -6.87 -5.25
CA TRP B 214 -13.07 -7.34 -5.70
C TRP B 214 -11.91 -6.67 -4.98
N LEU B 215 -12.08 -5.41 -4.56
CA LEU B 215 -10.96 -4.68 -3.97
C LEU B 215 -10.50 -5.31 -2.66
N GLY B 216 -11.41 -5.95 -1.92
CA GLY B 216 -11.03 -6.55 -0.65
C GLY B 216 -10.42 -5.53 0.29
N LEU B 217 -9.30 -5.91 0.91
CA LEU B 217 -8.63 -5.03 1.86
C LEU B 217 -8.03 -3.79 1.21
N SER B 218 -7.96 -3.75 -0.12
CA SER B 218 -7.53 -2.53 -0.81
C SER B 218 -8.56 -1.41 -0.68
N LEU B 219 -9.76 -1.72 -0.20
CA LEU B 219 -10.80 -0.73 0.01
C LEU B 219 -10.88 -0.44 1.50
N ALA B 220 -10.58 0.79 1.89
CA ALA B 220 -10.52 1.15 3.31
C ALA B 220 -11.84 1.66 3.86
N ALA B 221 -12.70 2.24 3.01
CA ALA B 221 -13.92 2.86 3.47
C ALA B 221 -14.86 3.05 2.29
N VAL B 222 -16.09 3.46 2.58
CA VAL B 222 -17.14 3.60 1.57
C VAL B 222 -17.99 4.81 1.91
N ILE B 223 -18.36 5.57 0.90
CA ILE B 223 -19.45 6.56 0.97
C ILE B 223 -20.62 6.00 0.19
N PRO B 224 -21.79 5.80 0.81
CA PRO B 224 -22.96 5.35 0.06
C PRO B 224 -23.62 6.49 -0.70
N ALA B 225 -24.22 6.14 -1.83
CA ALA B 225 -24.94 7.11 -2.63
C ALA B 225 -26.28 7.46 -1.98
N HIS B 226 -26.72 8.70 -2.20
CA HIS B 226 -28.07 9.12 -1.83
C HIS B 226 -29.09 8.70 -2.89
N VAL B 227 -28.96 7.50 -3.44
CA VAL B 227 -29.76 7.05 -4.57
C VAL B 227 -30.74 6.00 -4.09
N ILE B 228 -31.93 6.00 -4.68
CA ILE B 228 -32.96 5.03 -4.35
C ILE B 228 -32.94 3.95 -5.43
N TYR B 229 -32.66 2.72 -5.01
CA TYR B 229 -32.67 1.55 -5.90
C TYR B 229 -33.99 0.84 -5.64
N THR B 230 -35.00 1.20 -6.43
CA THR B 230 -36.39 0.84 -6.11
C THR B 230 -36.57 -0.66 -5.94
N GLN B 231 -35.88 -1.47 -6.75
CA GLN B 231 -36.05 -2.92 -6.71
C GLN B 231 -35.47 -3.55 -5.46
N VAL B 232 -34.71 -2.81 -4.66
CA VAL B 232 -34.04 -3.36 -3.49
C VAL B 232 -34.54 -2.72 -2.20
N ASP B 233 -34.74 -1.42 -2.19
CA ASP B 233 -35.16 -0.70 -1.00
C ASP B 233 -35.65 0.68 -1.42
N LYS B 234 -36.70 1.16 -0.75
CA LYS B 234 -37.21 2.49 -1.03
C LYS B 234 -36.39 3.59 -0.37
N ARG B 235 -35.50 3.23 0.56
CA ARG B 235 -34.65 4.20 1.24
C ARG B 235 -33.38 4.44 0.43
N PRO B 236 -32.88 5.68 0.38
CA PRO B 236 -31.54 5.90 -0.16
C PRO B 236 -30.54 4.97 0.49
N ALA B 237 -29.52 4.58 -0.28
CA ALA B 237 -28.57 3.58 0.18
C ALA B 237 -27.98 3.94 1.54
N GLY B 238 -27.57 5.21 1.69
CA GLY B 238 -26.98 5.64 2.95
C GLY B 238 -27.92 5.53 4.13
N PHE B 239 -29.22 5.40 3.88
CA PHE B 239 -30.22 5.20 4.92
C PHE B 239 -30.75 3.78 4.95
N SER B 240 -30.17 2.86 4.18
CA SER B 240 -30.71 1.53 3.98
C SER B 240 -29.85 0.50 4.71
N ARG B 241 -30.44 -0.16 5.71
CA ARG B 241 -29.76 -1.29 6.33
C ARG B 241 -29.67 -2.47 5.38
N VAL B 242 -30.54 -2.55 4.38
CA VAL B 242 -30.41 -3.60 3.36
C VAL B 242 -29.11 -3.41 2.58
N TRP B 243 -28.88 -2.19 2.08
CA TRP B 243 -27.67 -1.94 1.32
C TRP B 243 -26.42 -2.03 2.19
N LEU B 244 -26.47 -1.46 3.40
CA LEU B 244 -25.28 -1.32 4.21
C LEU B 244 -25.00 -2.56 5.06
N GLN B 245 -26.02 -3.17 5.65
CA GLN B 245 -25.82 -4.35 6.50
C GLN B 245 -25.89 -5.65 5.70
N ASP B 246 -26.97 -5.86 4.94
CA ASP B 246 -27.15 -7.14 4.27
C ASP B 246 -26.17 -7.31 3.11
N ILE B 247 -25.96 -6.26 2.32
CA ILE B 247 -25.09 -6.37 1.16
C ILE B 247 -23.64 -6.04 1.53
N LEU B 248 -23.38 -4.82 2.01
CA LEU B 248 -22.01 -4.38 2.20
C LEU B 248 -21.34 -5.12 3.37
N ARG B 249 -21.90 -4.97 4.59
CA ARG B 249 -21.36 -5.68 5.74
C ARG B 249 -21.56 -7.19 5.59
N GLY B 250 -22.72 -7.62 5.13
CA GLY B 250 -23.05 -9.02 5.09
C GLY B 250 -22.46 -9.76 3.91
N LYS B 251 -23.04 -9.55 2.73
CA LYS B 251 -22.61 -10.29 1.55
C LYS B 251 -21.14 -10.03 1.24
N LEU B 252 -20.72 -8.77 1.28
CA LEU B 252 -19.36 -8.43 0.91
C LEU B 252 -18.38 -8.55 2.08
N GLY B 253 -18.87 -8.68 3.31
CA GLY B 253 -17.98 -8.81 4.45
C GLY B 253 -17.12 -7.59 4.70
N PHE B 254 -17.57 -6.42 4.28
CA PHE B 254 -16.77 -5.21 4.40
C PHE B 254 -16.63 -4.81 5.86
N THR B 255 -15.40 -4.54 6.29
CA THR B 255 -15.11 -4.20 7.67
C THR B 255 -14.62 -2.76 7.85
N GLY B 256 -14.51 -1.99 6.77
CA GLY B 256 -14.01 -0.63 6.86
C GLY B 256 -15.07 0.37 7.25
N ALA B 257 -14.63 1.63 7.37
CA ALA B 257 -15.54 2.69 7.79
C ALA B 257 -16.52 3.04 6.68
N ILE B 258 -17.71 3.45 7.08
CA ILE B 258 -18.75 3.94 6.17
C ILE B 258 -19.04 5.39 6.53
N PHE B 259 -18.83 6.29 5.57
CA PHE B 259 -19.14 7.71 5.71
C PHE B 259 -20.40 8.03 4.91
N SER B 260 -21.38 8.65 5.52
CA SER B 260 -22.52 9.13 4.74
C SER B 260 -22.05 10.24 3.81
N ASP B 261 -22.62 10.30 2.62
CA ASP B 261 -22.44 11.49 1.78
C ASP B 261 -23.06 12.67 2.51
N ASP B 262 -22.67 13.87 2.11
CA ASP B 262 -23.16 15.10 2.72
C ASP B 262 -24.67 15.04 2.96
N LEU B 263 -25.07 15.11 4.23
CA LEU B 263 -26.49 15.12 4.57
C LEU B 263 -27.16 16.44 4.24
N SER B 264 -26.39 17.48 3.92
CA SER B 264 -26.97 18.73 3.45
C SER B 264 -27.50 18.64 2.04
N MET B 265 -27.19 17.57 1.31
CA MET B 265 -27.64 17.42 -0.06
C MET B 265 -29.15 17.23 -0.12
N GLU B 266 -29.75 17.67 -1.23
CA GLU B 266 -31.20 17.58 -1.39
C GLU B 266 -31.67 16.14 -1.29
N ALA B 267 -30.93 15.21 -1.90
CA ALA B 267 -31.33 13.80 -1.85
C ALA B 267 -31.37 13.25 -0.43
N ALA B 268 -30.65 13.87 0.51
CA ALA B 268 -30.63 13.38 1.88
C ALA B 268 -31.79 13.89 2.73
N ARG B 269 -32.58 14.84 2.21
CA ARG B 269 -33.74 15.36 2.91
C ARG B 269 -34.94 14.49 2.56
N GLU B 270 -35.28 13.57 3.45
CA GLU B 270 -36.41 12.66 3.22
C GLU B 270 -37.67 13.22 3.88
N GLY B 271 -37.74 13.13 5.20
CA GLY B 271 -38.90 13.60 5.94
C GLY B 271 -38.59 13.80 7.41
N GLY B 272 -37.62 14.66 7.69
CA GLY B 272 -37.19 14.90 9.06
C GLY B 272 -35.98 15.80 9.09
N THR B 273 -35.62 16.21 10.30
CA THR B 273 -34.53 17.15 10.49
C THR B 273 -33.18 16.54 10.13
N LEU B 274 -32.16 17.39 10.10
CA LEU B 274 -30.80 16.92 9.88
C LEU B 274 -30.37 15.92 10.95
N THR B 275 -30.80 16.14 12.20
CA THR B 275 -30.46 15.24 13.29
C THR B 275 -31.09 13.86 13.07
N GLN B 276 -32.34 13.84 12.60
CA GLN B 276 -32.99 12.57 12.31
C GLN B 276 -32.35 11.88 11.12
N ALA B 277 -31.94 12.64 10.11
CA ALA B 277 -31.22 12.05 8.99
C ALA B 277 -29.89 11.46 9.45
N ALA B 278 -29.18 12.17 10.32
CA ALA B 278 -27.93 11.65 10.87
C ALA B 278 -28.17 10.38 11.67
N ASP B 279 -29.19 10.39 12.53
CA ASP B 279 -29.51 9.18 13.30
C ASP B 279 -29.94 8.04 12.38
N ALA B 280 -30.63 8.35 11.29
CA ALA B 280 -31.06 7.32 10.36
C ALA B 280 -29.87 6.72 9.63
N ALA B 281 -28.91 7.56 9.21
CA ALA B 281 -27.72 7.06 8.53
C ALA B 281 -26.89 6.19 9.46
N LEU B 282 -26.66 6.64 10.69
CA LEU B 282 -25.87 5.85 11.62
C LEU B 282 -26.58 4.54 11.96
N ALA B 283 -27.90 4.59 12.15
CA ALA B 283 -28.66 3.37 12.44
C ALA B 283 -28.61 2.38 11.27
N ALA B 284 -28.52 2.89 10.04
CA ALA B 284 -28.46 2.01 8.88
C ALA B 284 -27.11 1.31 8.75
N GLY B 285 -26.04 1.89 9.29
CA GLY B 285 -24.73 1.27 9.20
C GLY B 285 -23.57 2.23 9.03
N CYS B 286 -23.85 3.51 8.86
CA CYS B 286 -22.77 4.49 8.77
C CYS B 286 -22.03 4.60 10.09
N ASP B 287 -20.70 4.68 10.01
CA ASP B 287 -19.88 4.97 11.18
C ASP B 287 -19.71 6.45 11.42
N MET B 288 -19.88 7.26 10.38
CA MET B 288 -19.67 8.69 10.46
C MET B 288 -20.61 9.35 9.47
N VAL B 289 -21.14 10.52 9.85
CA VAL B 289 -22.05 11.28 9.00
C VAL B 289 -21.44 12.65 8.75
N LEU B 290 -21.59 13.14 7.52
CA LEU B 290 -21.04 14.43 7.12
C LEU B 290 -22.16 15.45 7.08
N VAL B 291 -21.94 16.59 7.75
CA VAL B 291 -22.83 17.75 7.68
C VAL B 291 -21.97 18.92 7.20
N CYS B 292 -22.15 19.33 5.95
CA CYS B 292 -21.29 20.29 5.29
C CYS B 292 -22.03 21.58 4.99
N ASN B 293 -21.32 22.71 5.13
CA ASN B 293 -21.77 24.01 4.65
C ASN B 293 -22.91 24.59 5.50
N GLN B 294 -22.94 24.24 6.79
CA GLN B 294 -23.83 24.88 7.74
C GLN B 294 -23.42 24.48 9.15
N PRO B 295 -22.31 25.02 9.66
CA PRO B 295 -21.82 24.59 10.97
C PRO B 295 -22.81 24.78 12.10
N ASP B 296 -23.71 25.78 12.02
CA ASP B 296 -24.69 25.97 13.07
C ASP B 296 -25.69 24.83 13.12
N ALA B 297 -26.14 24.36 11.95
CA ALA B 297 -26.99 23.17 11.90
C ALA B 297 -26.21 21.94 12.34
N ALA B 298 -24.93 21.86 11.99
CA ALA B 298 -24.10 20.74 12.45
C ALA B 298 -24.04 20.70 13.97
N GLU B 299 -23.94 21.87 14.62
CA GLU B 299 -23.91 21.90 16.07
C GLU B 299 -25.23 21.43 16.66
N VAL B 300 -26.35 21.73 16.00
CA VAL B 300 -27.64 21.18 16.41
C VAL B 300 -27.61 19.67 16.38
N VAL B 301 -26.99 19.10 15.34
CA VAL B 301 -26.86 17.65 15.24
C VAL B 301 -26.01 17.12 16.39
N LEU B 302 -24.87 17.77 16.64
CA LEU B 302 -23.98 17.33 17.72
C LEU B 302 -24.73 17.21 19.04
N ASN B 303 -25.57 18.19 19.36
CA ASN B 303 -26.25 18.25 20.64
C ASN B 303 -27.57 17.47 20.67
N GLY B 304 -28.08 17.02 19.52
CA GLY B 304 -29.34 16.31 19.49
C GLY B 304 -29.22 14.86 19.06
N LEU B 305 -28.04 14.46 18.61
CA LEU B 305 -27.83 13.10 18.13
C LEU B 305 -28.15 12.09 19.24
N LYS B 306 -28.93 11.07 18.90
CA LYS B 306 -29.31 10.04 19.84
C LYS B 306 -28.43 8.80 19.79
N ALA B 307 -27.68 8.62 18.70
CA ALA B 307 -26.98 7.36 18.47
C ALA B 307 -25.94 7.09 19.56
N ARG B 308 -25.86 5.83 19.97
CA ARG B 308 -24.80 5.34 20.85
C ARG B 308 -23.66 4.84 19.97
N ALA B 309 -22.52 5.51 20.02
CA ALA B 309 -21.40 5.15 19.14
C ALA B 309 -20.75 3.85 19.62
N SER B 310 -20.58 2.91 18.71
CA SER B 310 -20.05 1.60 19.06
C SER B 310 -18.53 1.63 19.08
N ALA B 311 -17.95 0.74 19.89
CA ALA B 311 -16.50 0.61 19.93
C ALA B 311 -15.95 0.26 18.56
N GLU B 312 -16.67 -0.59 17.81
CA GLU B 312 -16.21 -0.99 16.48
C GLU B 312 -16.21 0.20 15.53
N SER B 313 -17.23 1.05 15.59
CA SER B 313 -17.22 2.26 14.78
C SER B 313 -15.99 3.11 15.10
N VAL B 314 -15.68 3.27 16.39
CA VAL B 314 -14.52 4.05 16.79
C VAL B 314 -13.24 3.43 16.21
N ARG B 315 -13.14 2.10 16.27
CA ARG B 315 -11.97 1.43 15.70
C ARG B 315 -11.84 1.72 14.20
N ARG B 316 -12.96 1.64 13.48
CA ARG B 316 -12.93 1.90 12.04
C ARG B 316 -12.48 3.34 11.75
N ILE B 317 -13.03 4.30 12.49
CA ILE B 317 -12.68 5.70 12.25
C ILE B 317 -11.21 5.95 12.53
N LYS B 318 -10.71 5.42 13.66
CA LYS B 318 -9.30 5.59 13.98
C LYS B 318 -8.40 5.01 12.89
N ARG B 319 -8.84 3.95 12.22
CA ARG B 319 -8.00 3.34 11.20
C ARG B 319 -7.97 4.13 9.90
N MET B 320 -8.73 5.23 9.82
CA MET B 320 -8.68 6.12 8.67
C MET B 320 -7.62 7.21 8.82
N ARG B 321 -7.03 7.35 10.00
CA ARG B 321 -5.94 8.30 10.19
C ARG B 321 -4.73 7.88 9.34
N ALA B 322 -4.00 8.87 8.84
CA ALA B 322 -2.78 8.58 8.11
C ALA B 322 -1.79 7.84 9.01
N ARG B 323 -0.95 7.01 8.40
CA ARG B 323 -0.01 6.18 9.13
CA ARG B 323 -0.01 6.17 9.12
C ARG B 323 1.41 6.67 8.90
N GLY B 324 2.22 6.62 9.96
CA GLY B 324 3.63 6.94 9.85
C GLY B 324 3.90 8.43 9.68
N LYS B 325 5.16 8.72 9.35
CA LYS B 325 5.65 10.08 9.21
C LYS B 325 5.45 10.57 7.78
N ALA B 326 5.29 11.89 7.66
CA ALA B 326 5.08 12.53 6.37
C ALA B 326 6.23 13.48 6.09
N LEU B 327 6.71 13.46 4.85
CA LEU B 327 7.73 14.41 4.43
C LEU B 327 7.14 15.82 4.39
N LYS B 328 7.89 16.77 4.93
CA LYS B 328 7.56 18.17 4.73
C LYS B 328 7.70 18.53 3.26
N TRP B 329 7.01 19.61 2.88
CA TRP B 329 6.86 19.94 1.46
C TRP B 329 8.20 20.05 0.73
N ASP B 330 9.16 20.80 1.31
CA ASP B 330 10.40 21.05 0.59
C ASP B 330 11.21 19.78 0.40
N LYS B 331 11.15 18.84 1.36
CA LYS B 331 11.81 17.56 1.17
C LYS B 331 11.06 16.71 0.14
N LEU B 332 9.74 16.79 0.13
CA LEU B 332 8.93 15.98 -0.79
C LEU B 332 9.26 16.32 -2.24
N ILE B 333 9.27 17.60 -2.59
CA ILE B 333 9.43 17.99 -3.98
C ILE B 333 10.84 17.74 -4.50
N ALA B 334 11.77 17.36 -3.63
CA ALA B 334 13.10 16.94 -4.05
C ALA B 334 13.31 15.44 -3.94
N GLN B 335 12.29 14.71 -3.50
CA GLN B 335 12.44 13.27 -3.28
C GLN B 335 12.45 12.53 -4.61
N PRO B 336 13.42 11.64 -4.84
CA PRO B 336 13.47 10.96 -6.15
C PRO B 336 12.17 10.28 -6.55
N GLU B 337 11.49 9.60 -5.62
CA GLU B 337 10.27 8.89 -5.97
C GLU B 337 9.17 9.86 -6.41
N TYR B 338 9.01 10.96 -5.68
CA TYR B 338 8.07 12.00 -6.07
C TYR B 338 8.39 12.57 -7.46
N LEU B 339 9.67 12.87 -7.69
CA LEU B 339 10.08 13.35 -9.00
C LEU B 339 9.76 12.31 -10.07
N GLN B 340 10.05 11.04 -9.79
CA GLN B 340 9.69 9.96 -10.71
C GLN B 340 8.20 9.98 -11.03
N ALA B 341 7.36 10.13 -10.00
CA ALA B 341 5.92 10.13 -10.23
C ALA B 341 5.50 11.32 -11.07
N GLN B 342 6.07 12.50 -10.82
CA GLN B 342 5.74 13.68 -11.60
C GLN B 342 6.13 13.51 -13.06
N ALA B 343 7.32 12.95 -13.30
CA ALA B 343 7.77 12.75 -14.68
C ALA B 343 6.86 11.78 -15.41
N LEU B 344 6.45 10.69 -14.75
CA LEU B 344 5.59 9.70 -15.40
C LEU B 344 4.24 10.30 -15.75
N LEU B 345 3.67 11.09 -14.84
CA LEU B 345 2.41 11.78 -15.13
C LEU B 345 2.54 12.64 -16.39
N SER B 346 3.65 13.40 -16.49
CA SER B 346 3.81 14.31 -17.62
CA SER B 346 3.81 14.31 -17.62
C SER B 346 3.96 13.55 -18.94
N SER B 347 4.67 12.41 -18.92
CA SER B 347 4.92 11.68 -20.15
C SER B 347 3.76 10.78 -20.51
N ALA B 348 3.22 10.03 -19.54
CA ALA B 348 2.20 9.03 -19.85
C ALA B 348 0.88 9.66 -20.27
N LEU B 349 0.52 10.81 -19.70
CA LEU B 349 -0.76 11.44 -19.99
C LEU B 349 -0.65 12.56 -21.02
N ALA B 350 0.50 12.69 -21.68
CA ALA B 350 0.67 13.71 -22.72
C ALA B 350 -0.29 13.45 -23.87
C1 H9J C . 19.65 -15.45 -1.80
C2 H9J C . 18.29 -16.02 -2.33
C3 H9J C . 17.22 -15.08 -2.03
C4 H9J C . 17.18 -14.81 -0.65
C5 H9J C . 18.39 -14.37 -0.10
C6 H9J C . 18.30 -14.09 1.38
C7 H9J C . 17.69 -17.59 -4.15
C8 H9J C . 17.94 -18.01 -5.58
C9 H9J C . 19.46 -15.21 -0.33
F81 H9J C . 18.73 -19.06 -5.58
F82 H9J C . 18.52 -17.04 -6.29
F83 H9J C . 16.79 -18.33 -6.18
N2 H9J C . 18.35 -16.53 -3.63
O3 H9J C . 16.01 -15.56 -2.45
O4 H9J C . 16.16 -13.84 -0.47
O6 H9J C . 18.28 -15.33 2.15
O7 H9J C . 16.89 -18.29 -3.52
O9 H9J C . 19.31 -16.40 0.30
H1 H9J C . 20.35 -16.08 -2.01
H2 H9J C . 18.05 -16.82 -1.84
H3 H9J C . 17.39 -14.24 -2.49
H4 H9J C . 16.96 -15.63 -0.21
H5 H9J C . 18.60 -13.55 -0.56
H62 H9J C . 19.07 -13.57 1.65
H61 H9J C . 17.50 -13.58 1.57
H7 H9J C . 20.26 -14.81 0.04
HN2 H9J C . 18.89 -16.08 -4.14
HO3 H9J C . 15.86 -16.31 -2.09
HO4 H9J C . 15.69 -14.05 0.23
HO6 H9J C . 17.69 -15.27 2.76
H02 H9J C . 19.91 -16.50 0.89
C1 H9J D . -21.06 13.84 -1.19
C2 H9J D . -20.40 13.57 -2.58
C3 H9J D . -19.13 12.92 -2.35
C4 H9J D . -18.30 13.70 -1.54
C5 H9J D . -18.88 14.03 -0.31
C6 H9J D . -17.98 14.86 0.57
C7 H9J D . -21.30 13.22 -4.86
C8 H9J D . -22.33 12.54 -5.75
C9 H9J D . -20.09 14.67 -0.41
F81 H9J D . -21.74 12.07 -6.83
F82 H9J D . -23.27 13.41 -6.15
F83 H9J D . -22.92 11.55 -5.10
N2 H9J D . -21.26 13.00 -3.52
O3 H9J D . -18.50 12.63 -3.53
O4 H9J D . -17.09 13.01 -1.34
O6 H9J D . -17.92 16.21 0.07
O7 H9J D . -20.53 13.97 -5.46
O9 H9J D . -19.97 15.89 -0.99
H1 H9J D . -21.92 14.28 -1.32
H2 H9J D . -20.19 14.39 -3.04
H3 H9J D . -19.27 12.07 -1.89
H4 H9J D . -18.13 14.53 -2.02
H5 H9J D . -19.06 13.19 0.13
H62 H9J D . -18.31 14.85 1.48
H61 H9J D . -17.08 14.47 0.57
H7 H9J D . -20.45 14.84 0.48
HN2 H9J D . -21.83 12.44 -3.18
HO3 H9J D . -18.41 13.34 -3.99
HO4 H9J D . -16.44 13.55 -1.40
HO6 H9J D . -17.13 16.51 0.16
H02 H9J D . -19.96 16.50 -0.40
#